data_8IEJ
#
_entry.id   8IEJ
#
_cell.length_a   1.00
_cell.length_b   1.00
_cell.length_c   1.00
_cell.angle_alpha   90.00
_cell.angle_beta   90.00
_cell.angle_gamma   90.00
#
_symmetry.space_group_name_H-M   'P 1'
#
loop_
_entity.id
_entity.type
_entity.pdbx_description
1 polymer 'Histone H2A type 1-B/E'
2 polymer 'Histone H2B type 1-K'
3 polymer 'Histone H3.1'
4 polymer 'Histone H4'
5 polymer 'Histone H2B type 1-K'
6 polymer 'DNA (147-MER)'
7 polymer 'DNA (147-MER)'
8 polymer 'E3 ubiquitin-protein ligase BRE1B'
9 polymer 'E3 ubiquitin-protein ligase BRE1A'
10 polymer 'Ubiquitin-conjugating enzyme E2 A'
11 non-polymer 'ZINC ION'
#
loop_
_entity_poly.entity_id
_entity_poly.type
_entity_poly.pdbx_seq_one_letter_code
_entity_poly.pdbx_strand_id
1 'polypeptide(L)'
;ARAKAKTRSSRAGLQFPVGRVHRLLRKGNYSERVGAGAPVYLAAVLEYLTAEILELAGNAARDNKKTRIIPRHLQLAIRN
DEELNKLLGRVTIAQGGVLPNIQAVLLPK
;
C,G
2 'polypeptide(L)'
;RSRKESYSVYVYKVLKQVHPDTGISSKAMGIMNSFVNDIFERIAGEASRLAHYNKRSTITSREIQTAVRLLLPGELAKHA
VSEGTKAVTCYTSA
;
D
3 'polypeptide(L)'
;KPHRYRPGTVALREIRRYQKSTELLIRKLPFQRLVREIAQDFKTDLRFQSSAVMALQEACEAYLVGLFEDTNLCAIHAKR
VTIMPKDIQLARRIRGER
;
E,K
4 'polypeptide(L)' LRDNIQGITKPAIRRLARRGGVKRISGLIYEETRGVLKVFLENVIRDAVTYTEHAKRKTVTAMDVVYALKRQGRTLYGFG F,L
5 'polypeptide(L)'
;RSRKESYSVYVYKVLKQVHPDTGISSKAMGIMNSFVNDIFERIAGEASRLAHYNKRSTITSREIQTAVRLLLPGELAKHA
VSEGTKAVTKYTSA
;
H
6 'polydeoxyribonucleotide'
;(DA)(DC)(DA)(DG)(DG)(DA)(DT)(DG)(DT)(DA)(DT)(DA)(DT)(DA)(DT)(DC)(DT)(DG)(DA)(DC)
(DA)(DC)(DG)(DT)(DG)(DC)(DC)(DT)(DG)(DG)(DA)(DG)(DA)(DC)(DT)(DA)(DG)(DG)(DG)(DA)
(DG)(DT)(DA)(DA)(DT)(DC)(DC)(DC)(DC)(DT)(DT)(DG)(DG)(DC)(DG)(DG)(DT)(DT)(DA)(DA)
(DA)(DA)(DC)(DG)(DC)(DG)(DG)(DG)(DG)(DG)(DA)(DC)(DA)(DG)(DC)(DG)(DC)(DG)(DT)(DA)
(DC)(DG)(DT)(DG)(DC)(DG)(DT)(DT)(DT)(DA)(DA)(DG)(DC)(DG)(DG)(DT)(DG)(DC)(DT)(DA)
(DG)(DA)(DG)(DC)(DT)(DG)(DT)(DC)(DT)(DA)(DC)(DG)(DA)(DC)(DC)(DA)(DA)(DT)(DT)(DG)
(DA)(DG)(DC)(DG)(DG)(DC)(DC)(DT)(DC)(DG)(DG)(DC)(DA)(DC)(DC)(DG)(DG)(DG)(DA)(DT)
(DT)(DC)(DT)(DC)(DC)(DA)(DG)
;
I
7 'polydeoxyribonucleotide'
;(DC)(DT)(DG)(DG)(DA)(DG)(DA)(DA)(DT)(DC)(DC)(DC)(DG)(DG)(DT)(DG)(DC)(DC)(DG)(DA)
(DG)(DG)(DC)(DC)(DG)(DC)(DT)(DC)(DA)(DA)(DT)(DT)(DG)(DG)(DT)(DC)(DG)(DT)(DA)(DG)
(DA)(DC)(DA)(DG)(DC)(DT)(DC)(DT)(DA)(DG)(DC)(DA)(DC)(DC)(DG)(DC)(DT)(DT)(DA)(DA)
(DA)(DC)(DG)(DC)(DA)(DC)(DG)(DT)(DA)(DC)(DG)(DC)(DG)(DC)(DT)(DG)(DT)(DC)(DC)(DC)
(DC)(DC)(DG)(DC)(DG)(DT)(DT)(DT)(DT)(DA)(DA)(DC)(DC)(DG)(DC)(DC)(DA)(DA)(DG)(DG)
(DG)(DG)(DA)(DT)(DT)(DA)(DC)(DT)(DC)(DC)(DC)(DT)(DA)(DG)(DT)(DC)(DT)(DC)(DC)(DA)
(DG)(DG)(DC)(DA)(DC)(DG)(DT)(DG)(DT)(DC)(DA)(DG)(DA)(DT)(DA)(DT)(DA)(DT)(DA)(DC)
(DA)(DT)(DC)(DC)(DT)(DG)(DT)
;
J
8 'polypeptide(L)' EYKARLTCPCCNTRKKDAVLTKCFHVFCFECVRGRYEARQRKCPKCNAAFGAHDFHRIYI A
9 'polypeptide(L)' DYKARLTCPCCNMRKKDAVLTKCFHVFCFECVKTRYDTRQRKCPKCNAAFGANDFHRIYI M
10 'polypeptide(L)'
;MSTPARRRLMRDFKRLQEDPPAGVSGAPSENNIMVWNAVIFGPEGTPFEDGTFKLTIEFTEEYPNKPPTVRFVSKMFHPN
VYADGSICLDILQNRWSPTYDVSSILTSIQSLLDEPNPNSPANSQAAQLYQENKREYEKRVSAIVEQSWR
;
R
#
# COMPACT_ATOMS: atom_id res chain seq x y z
N ALA A 1 -44.00 -16.22 -0.95
CA ALA A 1 -44.67 -17.51 -1.04
C ALA A 1 -43.66 -18.64 -1.26
N ARG A 2 -42.41 -18.25 -1.54
CA ARG A 2 -41.34 -19.21 -1.75
C ARG A 2 -40.63 -19.53 -0.43
N ALA A 3 -40.07 -18.52 0.21
CA ALA A 3 -39.39 -18.63 1.49
C ALA A 3 -39.09 -17.23 1.98
N LYS A 4 -38.78 -17.13 3.27
CA LYS A 4 -38.38 -15.84 3.83
C LYS A 4 -37.02 -15.44 3.28
N ALA A 5 -36.95 -14.26 2.66
CA ALA A 5 -35.74 -13.83 1.98
C ALA A 5 -34.67 -13.46 3.01
N LYS A 6 -33.47 -13.98 2.83
CA LYS A 6 -32.32 -13.65 3.66
C LYS A 6 -31.24 -13.04 2.78
N THR A 7 -30.75 -11.88 3.17
CA THR A 7 -29.71 -11.21 2.41
C THR A 7 -28.40 -11.98 2.51
N ARG A 8 -27.63 -11.96 1.42
CA ARG A 8 -26.35 -12.64 1.42
C ARG A 8 -25.40 -12.05 2.45
N SER A 9 -25.47 -10.74 2.68
CA SER A 9 -24.65 -10.12 3.70
C SER A 9 -24.96 -10.67 5.08
N SER A 10 -26.26 -10.83 5.39
CA SER A 10 -26.65 -11.45 6.65
C SER A 10 -26.20 -12.90 6.71
N ARG A 11 -26.29 -13.61 5.58
CA ARG A 11 -25.86 -15.01 5.57
C ARG A 11 -24.37 -15.15 5.85
N ALA A 12 -23.57 -14.21 5.35
CA ALA A 12 -22.13 -14.26 5.56
C ALA A 12 -21.68 -13.53 6.82
N GLY A 13 -22.61 -12.98 7.60
CA GLY A 13 -22.24 -12.25 8.79
C GLY A 13 -21.49 -10.96 8.54
N LEU A 14 -21.93 -10.18 7.57
CA LEU A 14 -21.28 -8.93 7.21
C LEU A 14 -22.29 -7.80 7.16
N GLN A 15 -21.79 -6.58 7.36
CA GLN A 15 -22.62 -5.40 7.25
C GLN A 15 -22.60 -4.78 5.87
N PHE A 16 -21.56 -5.05 5.09
CA PHE A 16 -21.46 -4.50 3.75
C PHE A 16 -22.35 -5.28 2.78
N PRO A 17 -22.85 -4.63 1.73
CA PRO A 17 -23.81 -5.30 0.84
C PRO A 17 -23.10 -6.26 -0.12
N VAL A 18 -23.35 -7.55 0.03
CA VAL A 18 -22.78 -8.52 -0.88
C VAL A 18 -23.40 -8.40 -2.26
N GLY A 19 -24.71 -8.22 -2.33
CA GLY A 19 -25.38 -8.12 -3.61
C GLY A 19 -24.95 -6.90 -4.40
N ARG A 20 -24.80 -5.77 -3.72
CA ARG A 20 -24.35 -4.56 -4.40
C ARG A 20 -22.94 -4.72 -4.95
N VAL A 21 -22.06 -5.36 -4.17
CA VAL A 21 -20.71 -5.62 -4.64
C VAL A 21 -20.74 -6.53 -5.85
N HIS A 22 -21.59 -7.55 -5.82
CA HIS A 22 -21.71 -8.44 -6.98
C HIS A 22 -22.18 -7.69 -8.21
N ARG A 23 -23.17 -6.82 -8.04
CA ARG A 23 -23.66 -6.03 -9.17
C ARG A 23 -22.57 -5.12 -9.72
N LEU A 24 -21.80 -4.46 -8.84
CA LEU A 24 -20.73 -3.61 -9.32
C LEU A 24 -19.65 -4.41 -10.02
N LEU A 25 -19.33 -5.60 -9.53
CA LEU A 25 -18.35 -6.44 -10.21
C LEU A 25 -18.83 -6.84 -11.59
N ARG A 26 -20.10 -7.25 -11.71
CA ARG A 26 -20.57 -7.72 -13.01
C ARG A 26 -20.76 -6.57 -13.99
N LYS A 27 -21.07 -5.37 -13.49
CA LYS A 27 -21.31 -4.22 -14.35
C LYS A 27 -20.04 -3.45 -14.64
N GLY A 28 -19.02 -3.61 -13.81
CA GLY A 28 -17.78 -2.88 -13.98
C GLY A 28 -16.89 -3.36 -15.09
N ASN A 29 -17.33 -4.39 -15.83
CA ASN A 29 -16.59 -4.88 -16.99
C ASN A 29 -15.19 -5.34 -16.60
N TYR A 30 -15.10 -6.11 -15.53
CA TYR A 30 -13.81 -6.62 -15.10
C TYR A 30 -13.50 -7.99 -15.69
N SER A 31 -14.49 -8.87 -15.74
CA SER A 31 -14.29 -10.19 -16.31
C SER A 31 -15.61 -10.69 -16.86
N GLU A 32 -15.53 -11.70 -17.73
CA GLU A 32 -16.73 -12.21 -18.39
C GLU A 32 -17.68 -12.86 -17.39
N ARG A 33 -17.14 -13.58 -16.41
CA ARG A 33 -17.95 -14.26 -15.41
C ARG A 33 -17.40 -13.93 -14.02
N VAL A 34 -18.29 -13.95 -13.03
CA VAL A 34 -17.94 -13.62 -11.66
C VAL A 34 -18.34 -14.78 -10.77
N GLY A 35 -17.42 -15.21 -9.93
CA GLY A 35 -17.68 -16.34 -9.04
C GLY A 35 -18.67 -15.98 -7.95
N ALA A 36 -19.15 -17.02 -7.27
CA ALA A 36 -20.13 -16.80 -6.21
C ALA A 36 -19.48 -16.22 -4.97
N GLY A 37 -18.31 -16.72 -4.59
CA GLY A 37 -17.67 -16.25 -3.38
C GLY A 37 -16.88 -14.98 -3.52
N ALA A 38 -16.63 -14.53 -4.74
CA ALA A 38 -15.87 -13.30 -4.94
C ALA A 38 -16.51 -12.08 -4.30
N PRO A 39 -17.80 -11.81 -4.49
CA PRO A 39 -18.40 -10.65 -3.79
C PRO A 39 -18.34 -10.79 -2.29
N VAL A 40 -18.50 -12.01 -1.77
CA VAL A 40 -18.43 -12.21 -0.32
C VAL A 40 -17.05 -11.83 0.19
N TYR A 41 -16.00 -12.34 -0.47
CA TYR A 41 -14.65 -12.04 -0.04
C TYR A 41 -14.35 -10.55 -0.13
N LEU A 42 -14.75 -9.92 -1.24
CA LEU A 42 -14.47 -8.51 -1.41
C LEU A 42 -15.20 -7.67 -0.36
N ALA A 43 -16.46 -8.00 -0.09
CA ALA A 43 -17.21 -7.25 0.92
C ALA A 43 -16.60 -7.42 2.29
N ALA A 44 -16.13 -8.63 2.61
CA ALA A 44 -15.48 -8.83 3.90
C ALA A 44 -14.22 -7.99 4.02
N VAL A 45 -13.40 -7.94 2.96
CA VAL A 45 -12.18 -7.16 3.02
C VAL A 45 -12.49 -5.68 3.18
N LEU A 46 -13.47 -5.19 2.41
CA LEU A 46 -13.84 -3.78 2.52
C LEU A 46 -14.34 -3.46 3.91
N GLU A 47 -15.16 -4.34 4.48
CA GLU A 47 -15.68 -4.11 5.82
C GLU A 47 -14.54 -4.06 6.83
N TYR A 48 -13.58 -4.97 6.71
CA TYR A 48 -12.47 -4.98 7.67
C TYR A 48 -11.68 -3.68 7.59
N LEU A 49 -11.36 -3.23 6.37
CA LEU A 49 -10.59 -2.00 6.24
C LEU A 49 -11.35 -0.81 6.78
N THR A 50 -12.65 -0.73 6.48
CA THR A 50 -13.46 0.37 6.99
C THR A 50 -13.50 0.35 8.50
N ALA A 51 -13.66 -0.82 9.11
CA ALA A 51 -13.68 -0.91 10.55
C ALA A 51 -12.36 -0.47 11.15
N GLU A 52 -11.25 -0.86 10.54
CA GLU A 52 -9.94 -0.47 11.06
C GLU A 52 -9.78 1.04 11.05
N ILE A 53 -10.06 1.67 9.91
CA ILE A 53 -9.87 3.12 9.84
C ILE A 53 -10.84 3.84 10.76
N LEU A 54 -12.09 3.36 10.86
CA LEU A 54 -13.03 4.01 11.76
C LEU A 54 -12.61 3.88 13.21
N GLU A 55 -12.07 2.73 13.60
CA GLU A 55 -11.64 2.54 14.97
C GLU A 55 -10.48 3.48 15.30
N LEU A 56 -9.50 3.57 14.41
CA LEU A 56 -8.39 4.48 14.67
C LEU A 56 -8.84 5.93 14.69
N ALA A 57 -9.73 6.31 13.77
CA ALA A 57 -10.22 7.68 13.74
C ALA A 57 -11.01 8.01 14.99
N GLY A 58 -11.80 7.06 15.48
CA GLY A 58 -12.52 7.28 16.72
C GLY A 58 -11.58 7.46 17.90
N ASN A 59 -10.51 6.66 17.93
CA ASN A 59 -9.50 6.86 18.98
C ASN A 59 -8.91 8.26 18.90
N ALA A 60 -8.57 8.70 17.69
CA ALA A 60 -7.99 10.02 17.54
C ALA A 60 -8.95 11.12 17.96
N ALA A 61 -10.23 10.97 17.60
CA ALA A 61 -11.22 11.96 18.00
C ALA A 61 -11.39 11.99 19.50
N ARG A 62 -11.41 10.83 20.14
CA ARG A 62 -11.48 10.77 21.60
C ARG A 62 -10.28 11.45 22.23
N ASP A 63 -9.09 11.29 21.65
CA ASP A 63 -7.91 11.92 22.20
C ASP A 63 -7.98 13.44 22.13
N ASN A 64 -8.88 13.99 21.32
CA ASN A 64 -9.10 15.43 21.28
C ASN A 64 -10.35 15.85 22.02
N LYS A 65 -10.93 14.94 22.81
CA LYS A 65 -12.14 15.22 23.58
C LYS A 65 -13.29 15.68 22.69
N LYS A 66 -13.46 14.99 21.56
CA LYS A 66 -14.56 15.23 20.65
C LYS A 66 -15.29 13.91 20.41
N THR A 67 -16.58 14.01 20.13
CA THR A 67 -17.40 12.82 19.92
C THR A 67 -17.80 12.61 18.47
N ARG A 68 -17.32 13.44 17.54
CA ARG A 68 -17.63 13.30 16.13
C ARG A 68 -16.34 13.23 15.33
N ILE A 69 -16.30 12.30 14.38
CA ILE A 69 -15.11 12.11 13.56
C ILE A 69 -15.14 13.09 12.39
N ILE A 70 -14.04 13.77 12.17
CA ILE A 70 -13.94 14.73 11.07
C ILE A 70 -12.75 14.36 10.18
N PRO A 71 -12.61 14.98 9.01
CA PRO A 71 -11.46 14.65 8.15
C PRO A 71 -10.13 14.83 8.84
N ARG A 72 -9.99 15.77 9.77
CA ARG A 72 -8.73 15.88 10.49
C ARG A 72 -8.44 14.62 11.28
N HIS A 73 -9.46 14.07 11.95
CA HIS A 73 -9.27 12.83 12.69
C HIS A 73 -8.93 11.68 11.75
N LEU A 74 -9.59 11.62 10.59
CA LEU A 74 -9.25 10.58 9.64
C LEU A 74 -7.80 10.70 9.17
N GLN A 75 -7.36 11.92 8.88
CA GLN A 75 -5.99 12.13 8.44
C GLN A 75 -4.99 11.72 9.52
N LEU A 76 -5.26 12.10 10.77
CA LEU A 76 -4.37 11.70 11.85
C LEU A 76 -4.31 10.19 11.99
N ALA A 77 -5.46 9.53 11.94
CA ALA A 77 -5.48 8.09 12.09
C ALA A 77 -4.72 7.40 10.97
N ILE A 78 -4.88 7.87 9.74
CA ILE A 78 -4.20 7.22 8.62
C ILE A 78 -2.71 7.48 8.68
N ARG A 79 -2.29 8.71 8.92
CA ARG A 79 -0.87 9.02 8.85
C ARG A 79 -0.11 8.57 10.08
N ASN A 80 -0.78 8.27 11.19
CA ASN A 80 -0.07 7.76 12.35
C ASN A 80 0.14 6.26 12.30
N ASP A 81 -0.65 5.54 11.52
CA ASP A 81 -0.48 4.11 11.34
C ASP A 81 0.39 3.85 10.12
N GLU A 82 1.45 3.07 10.31
CA GLU A 82 2.43 2.91 9.23
C GLU A 82 1.84 2.15 8.05
N GLU A 83 1.06 1.10 8.30
CA GLU A 83 0.55 0.30 7.19
C GLU A 83 -0.53 1.04 6.43
N LEU A 84 -1.44 1.72 7.14
CA LEU A 84 -2.42 2.53 6.45
C LEU A 84 -1.76 3.68 5.70
N ASN A 85 -0.71 4.27 6.27
CA ASN A 85 0.00 5.33 5.58
C ASN A 85 0.64 4.81 4.30
N LYS A 86 1.19 3.59 4.35
CA LYS A 86 1.75 3.00 3.15
C LYS A 86 0.68 2.68 2.12
N LEU A 87 -0.49 2.21 2.56
CA LEU A 87 -1.57 1.90 1.63
C LEU A 87 -2.10 3.16 0.96
N LEU A 88 -2.19 4.25 1.71
CA LEU A 88 -2.75 5.51 1.22
C LEU A 88 -1.68 6.56 1.11
N GLY A 89 -0.50 6.16 0.63
CA GLY A 89 0.63 7.09 0.56
C GLY A 89 0.48 8.15 -0.50
N ARG A 90 -0.33 7.91 -1.52
CA ARG A 90 -0.53 8.88 -2.60
C ARG A 90 -1.95 9.42 -2.61
N VAL A 91 -2.55 9.57 -1.43
CA VAL A 91 -3.93 10.02 -1.28
C VAL A 91 -3.94 11.32 -0.51
N THR A 92 -4.64 12.31 -1.04
CA THR A 92 -4.83 13.59 -0.37
C THR A 92 -6.24 13.63 0.21
N ILE A 93 -6.34 13.93 1.49
CA ILE A 93 -7.63 14.01 2.18
C ILE A 93 -7.97 15.49 2.32
N ALA A 94 -9.10 15.89 1.72
CA ALA A 94 -9.50 17.28 1.78
C ALA A 94 -9.79 17.69 3.21
N GLN A 95 -9.32 18.89 3.58
CA GLN A 95 -9.52 19.43 4.92
C GLN A 95 -8.99 18.51 6.00
N GLY A 96 -7.86 17.87 5.73
CA GLY A 96 -7.27 16.96 6.68
C GLY A 96 -6.03 17.50 7.35
N GLY A 97 -5.38 18.48 6.73
CA GLY A 97 -4.19 19.04 7.31
C GLY A 97 -3.03 18.06 7.26
N VAL A 98 -2.05 18.31 8.12
CA VAL A 98 -0.84 17.52 8.20
C VAL A 98 -0.60 17.11 9.65
N LEU A 99 0.35 16.20 9.84
CA LEU A 99 0.76 15.81 11.17
C LEU A 99 1.71 16.83 11.77
N PRO A 100 1.50 17.20 13.02
CA PRO A 100 2.39 18.17 13.66
C PRO A 100 3.75 17.57 13.99
N ASN A 101 4.76 17.95 13.22
CA ASN A 101 6.13 17.54 13.53
C ASN A 101 7.08 18.66 13.16
N ILE A 102 8.18 18.78 13.90
CA ILE A 102 9.20 19.78 13.63
C ILE A 102 10.55 19.09 13.73
N GLN A 103 11.42 19.36 12.75
CA GLN A 103 12.75 18.79 12.78
C GLN A 103 13.52 19.28 14.00
N ALA A 104 14.27 18.38 14.62
CA ALA A 104 14.98 18.71 15.86
C ALA A 104 16.02 19.80 15.67
N VAL A 105 16.53 19.97 14.45
CA VAL A 105 17.50 21.03 14.20
C VAL A 105 16.89 22.39 14.45
N LEU A 106 15.63 22.58 14.00
CA LEU A 106 14.98 23.88 14.14
C LEU A 106 14.63 24.22 15.58
N LEU A 107 14.49 23.22 16.44
CA LEU A 107 14.10 23.49 17.82
C LEU A 107 15.20 24.30 18.52
N PRO A 108 14.83 25.23 19.39
CA PRO A 108 15.85 26.03 20.09
C PRO A 108 16.59 25.18 21.10
N LYS A 109 17.84 25.56 21.36
CA LYS A 109 18.68 24.85 22.33
C LYS A 109 19.85 25.73 22.75
N ARG B 1 -34.41 13.87 -10.21
CA ARG B 1 -34.82 12.86 -9.26
C ARG B 1 -34.00 11.58 -9.42
N SER B 2 -32.75 11.73 -9.82
CA SER B 2 -31.88 10.59 -10.01
C SER B 2 -31.57 9.91 -8.68
N ARG B 3 -31.39 8.59 -8.74
CA ARG B 3 -30.99 7.80 -7.59
C ARG B 3 -29.50 7.56 -7.65
N LYS B 4 -28.78 8.02 -6.63
CA LYS B 4 -27.33 7.86 -6.56
C LYS B 4 -26.95 6.97 -5.37
N GLU B 5 -25.98 6.11 -5.59
CA GLU B 5 -25.57 5.10 -4.63
C GLU B 5 -24.34 5.56 -3.84
N SER B 6 -24.30 5.18 -2.57
CA SER B 6 -23.13 5.40 -1.74
C SER B 6 -23.13 4.35 -0.63
N TYR B 7 -22.05 4.34 0.15
CA TYR B 7 -21.87 3.35 1.21
C TYR B 7 -22.18 3.94 2.59
N SER B 8 -22.93 5.04 2.63
CA SER B 8 -23.10 5.78 3.87
C SER B 8 -23.75 4.91 4.94
N VAL B 9 -24.79 4.17 4.57
CA VAL B 9 -25.51 3.37 5.55
C VAL B 9 -24.58 2.35 6.18
N TYR B 10 -23.85 1.61 5.35
CA TYR B 10 -22.98 0.55 5.86
C TYR B 10 -21.84 1.11 6.68
N VAL B 11 -21.26 2.24 6.25
CA VAL B 11 -20.23 2.88 7.06
C VAL B 11 -20.79 3.26 8.42
N TYR B 12 -22.03 3.76 8.45
CA TYR B 12 -22.62 4.17 9.71
C TYR B 12 -22.84 2.97 10.62
N LYS B 13 -23.32 1.85 10.07
CA LYS B 13 -23.49 0.65 10.89
C LYS B 13 -22.16 0.16 11.43
N VAL B 14 -21.11 0.18 10.62
CA VAL B 14 -19.80 -0.25 11.09
C VAL B 14 -19.30 0.68 12.20
N LEU B 15 -19.55 1.98 12.04
CA LEU B 15 -19.12 2.94 13.06
C LEU B 15 -19.82 2.68 14.39
N LYS B 16 -21.14 2.50 14.36
CA LYS B 16 -21.85 2.18 15.60
C LYS B 16 -21.53 0.80 16.12
N GLN B 17 -21.00 -0.08 15.28
CA GLN B 17 -20.54 -1.37 15.77
C GLN B 17 -19.23 -1.22 16.53
N VAL B 18 -18.31 -0.41 16.02
CA VAL B 18 -17.00 -0.27 16.65
C VAL B 18 -17.07 0.67 17.84
N HIS B 19 -17.43 1.93 17.59
CA HIS B 19 -17.60 2.94 18.63
C HIS B 19 -19.09 3.17 18.80
N PRO B 20 -19.71 2.58 19.82
CA PRO B 20 -21.18 2.66 19.92
C PRO B 20 -21.70 4.06 20.16
N ASP B 21 -20.87 4.98 20.62
CA ASP B 21 -21.31 6.31 21.02
C ASP B 21 -20.51 7.41 20.35
N THR B 22 -20.22 7.25 19.06
CA THR B 22 -19.43 8.22 18.31
C THR B 22 -20.13 8.53 17.00
N GLY B 23 -20.21 9.81 16.65
CA GLY B 23 -20.80 10.23 15.40
C GLY B 23 -19.75 10.43 14.32
N ILE B 24 -20.21 10.96 13.18
CA ILE B 24 -19.32 11.21 12.06
C ILE B 24 -19.87 12.38 11.26
N SER B 25 -18.97 13.26 10.84
CA SER B 25 -19.38 14.44 10.09
C SER B 25 -19.83 14.04 8.70
N SER B 26 -20.59 14.93 8.07
CA SER B 26 -21.01 14.69 6.69
C SER B 26 -19.83 14.67 5.75
N LYS B 27 -18.86 15.56 5.95
CA LYS B 27 -17.69 15.58 5.09
C LYS B 27 -16.82 14.34 5.28
N ALA B 28 -16.75 13.81 6.49
CA ALA B 28 -16.02 12.58 6.72
C ALA B 28 -16.68 11.41 6.00
N MET B 29 -18.00 11.38 5.94
CA MET B 29 -18.69 10.32 5.22
C MET B 29 -18.31 10.32 3.75
N GLY B 30 -18.18 11.50 3.16
CA GLY B 30 -17.74 11.57 1.77
C GLY B 30 -16.36 10.98 1.58
N ILE B 31 -15.45 11.25 2.51
CA ILE B 31 -14.12 10.69 2.43
C ILE B 31 -14.17 9.17 2.56
N MET B 32 -15.00 8.66 3.46
CA MET B 32 -15.11 7.21 3.59
C MET B 32 -15.67 6.59 2.32
N ASN B 33 -16.65 7.24 1.70
CA ASN B 33 -17.18 6.74 0.44
C ASN B 33 -16.10 6.71 -0.64
N SER B 34 -15.32 7.78 -0.73
CA SER B 34 -14.24 7.82 -1.71
C SER B 34 -13.23 6.73 -1.45
N PHE B 35 -12.89 6.51 -0.18
CA PHE B 35 -11.92 5.48 0.18
C PHE B 35 -12.43 4.09 -0.20
N VAL B 36 -13.70 3.82 0.08
CA VAL B 36 -14.27 2.53 -0.25
C VAL B 36 -14.26 2.31 -1.76
N ASN B 37 -14.67 3.32 -2.52
CA ASN B 37 -14.66 3.19 -3.97
C ASN B 37 -13.25 2.98 -4.49
N ASP B 38 -12.28 3.70 -3.94
CA ASP B 38 -10.91 3.56 -4.40
C ASP B 38 -10.37 2.16 -4.15
N ILE B 39 -10.59 1.63 -2.94
CA ILE B 39 -10.08 0.29 -2.63
C ILE B 39 -10.80 -0.75 -3.49
N PHE B 40 -12.10 -0.58 -3.68
CA PHE B 40 -12.83 -1.50 -4.55
C PHE B 40 -12.25 -1.50 -5.94
N GLU B 41 -11.99 -0.30 -6.49
CA GLU B 41 -11.42 -0.21 -7.83
C GLU B 41 -10.07 -0.88 -7.89
N ARG B 42 -9.21 -0.64 -6.89
CA ARG B 42 -7.90 -1.25 -6.88
C ARG B 42 -7.99 -2.77 -6.91
N ILE B 43 -8.77 -3.33 -5.98
CA ILE B 43 -8.81 -4.78 -5.84
C ILE B 43 -9.45 -5.41 -7.06
N ALA B 44 -10.57 -4.84 -7.54
CA ALA B 44 -11.23 -5.42 -8.70
C ALA B 44 -10.36 -5.34 -9.94
N GLY B 45 -9.68 -4.23 -10.15
CA GLY B 45 -8.80 -4.12 -11.30
C GLY B 45 -7.66 -5.11 -11.22
N GLU B 46 -7.06 -5.27 -10.05
CA GLU B 46 -5.97 -6.23 -9.92
C GLU B 46 -6.45 -7.65 -10.14
N ALA B 47 -7.62 -8.00 -9.60
CA ALA B 47 -8.15 -9.34 -9.78
C ALA B 47 -8.46 -9.62 -11.25
N SER B 48 -9.07 -8.65 -11.95
CA SER B 48 -9.36 -8.83 -13.36
C SER B 48 -8.08 -8.99 -14.16
N ARG B 49 -7.08 -8.18 -13.82
CA ARG B 49 -5.80 -8.26 -14.51
C ARG B 49 -5.13 -9.61 -14.27
N LEU B 50 -5.23 -10.15 -13.06
CA LEU B 50 -4.73 -11.50 -12.79
C LEU B 50 -5.46 -12.55 -13.63
N ALA B 51 -6.78 -12.49 -13.63
CA ALA B 51 -7.57 -13.44 -14.42
C ALA B 51 -7.15 -13.38 -15.87
N HIS B 52 -6.90 -12.18 -16.37
CA HIS B 52 -6.40 -12.07 -17.74
C HIS B 52 -5.04 -12.72 -17.87
N TYR B 53 -4.16 -12.59 -16.88
CA TYR B 53 -2.84 -13.19 -17.05
C TYR B 53 -2.96 -14.70 -17.14
N ASN B 54 -3.81 -15.28 -16.30
CA ASN B 54 -3.89 -16.73 -16.23
C ASN B 54 -4.86 -17.33 -17.23
N LYS B 55 -5.25 -16.55 -18.25
CA LYS B 55 -6.13 -17.02 -19.32
C LYS B 55 -7.42 -17.60 -18.76
N ARG B 56 -7.93 -16.96 -17.70
CA ARG B 56 -9.17 -17.37 -17.07
C ARG B 56 -10.26 -16.35 -17.38
N SER B 57 -11.50 -16.82 -17.37
CA SER B 57 -12.64 -15.97 -17.69
C SER B 57 -13.53 -15.68 -16.49
N THR B 58 -13.23 -16.25 -15.32
CA THR B 58 -14.05 -16.11 -14.14
C THR B 58 -13.22 -15.58 -12.99
N ILE B 59 -13.71 -14.55 -12.32
CA ILE B 59 -13.10 -14.04 -11.10
C ILE B 59 -13.73 -14.79 -9.94
N THR B 60 -12.95 -15.63 -9.26
CA THR B 60 -13.43 -16.32 -8.09
C THR B 60 -12.70 -15.80 -6.86
N SER B 61 -12.93 -16.43 -5.72
CA SER B 61 -12.34 -15.94 -4.47
C SER B 61 -10.82 -16.00 -4.50
N ARG B 62 -10.23 -16.89 -5.30
CA ARG B 62 -8.77 -17.00 -5.32
C ARG B 62 -8.12 -15.73 -5.85
N GLU B 63 -8.69 -15.14 -6.91
CA GLU B 63 -8.12 -13.89 -7.43
C GLU B 63 -8.26 -12.76 -6.42
N ILE B 64 -9.39 -12.70 -5.72
CA ILE B 64 -9.53 -11.67 -4.70
C ILE B 64 -8.51 -11.87 -3.59
N GLN B 65 -8.30 -13.12 -3.18
CA GLN B 65 -7.28 -13.47 -2.20
C GLN B 65 -5.91 -12.96 -2.63
N THR B 66 -5.53 -13.30 -3.86
CA THR B 66 -4.21 -12.93 -4.36
C THR B 66 -4.09 -11.42 -4.52
N ALA B 67 -5.14 -10.76 -4.98
CA ALA B 67 -5.09 -9.31 -5.15
C ALA B 67 -4.93 -8.62 -3.80
N VAL B 68 -5.62 -9.10 -2.78
CA VAL B 68 -5.44 -8.55 -1.44
C VAL B 68 -4.02 -8.75 -0.98
N ARG B 69 -3.47 -9.95 -1.19
CA ARG B 69 -2.08 -10.19 -0.82
C ARG B 69 -1.13 -9.26 -1.55
N LEU B 70 -1.44 -8.93 -2.80
CA LEU B 70 -0.57 -8.05 -3.57
C LEU B 70 -0.67 -6.61 -3.11
N LEU B 71 -1.88 -6.15 -2.79
CA LEU B 71 -2.08 -4.74 -2.47
C LEU B 71 -1.78 -4.43 -1.01
N LEU B 72 -2.47 -5.06 -0.09
CA LEU B 72 -2.35 -4.67 1.30
C LEU B 72 -1.00 -5.10 1.86
N PRO B 73 -0.34 -4.26 2.66
CA PRO B 73 0.98 -4.60 3.18
C PRO B 73 0.94 -5.30 4.54
N GLY B 74 1.62 -6.44 4.59
CA GLY B 74 1.93 -7.06 5.87
C GLY B 74 0.73 -7.48 6.68
N GLU B 75 0.68 -6.99 7.92
CA GLU B 75 -0.32 -7.43 8.88
C GLU B 75 -1.73 -7.09 8.41
N LEU B 76 -1.91 -5.95 7.75
CA LEU B 76 -3.19 -5.65 7.14
C LEU B 76 -3.60 -6.74 6.17
N ALA B 77 -2.66 -7.18 5.32
CA ALA B 77 -2.96 -8.24 4.37
C ALA B 77 -3.33 -9.53 5.09
N LYS B 78 -2.58 -9.85 6.14
CA LYS B 78 -2.82 -11.06 6.91
C LYS B 78 -4.23 -11.09 7.49
N HIS B 79 -4.61 -10.01 8.16
CA HIS B 79 -5.94 -9.93 8.78
C HIS B 79 -7.04 -9.89 7.73
N ALA B 80 -6.82 -9.17 6.63
CA ALA B 80 -7.84 -9.11 5.58
C ALA B 80 -8.07 -10.49 4.97
N VAL B 81 -7.00 -11.23 4.74
CA VAL B 81 -7.14 -12.58 4.20
C VAL B 81 -7.91 -13.47 5.19
N SER B 82 -7.60 -13.32 6.47
CA SER B 82 -8.28 -14.08 7.50
C SER B 82 -9.77 -13.78 7.51
N GLU B 83 -10.13 -12.50 7.42
CA GLU B 83 -11.53 -12.09 7.43
C GLU B 83 -12.26 -12.58 6.18
N GLY B 84 -11.63 -12.46 5.01
CA GLY B 84 -12.26 -12.92 3.79
C GLY B 84 -12.48 -14.41 3.79
N THR B 85 -11.49 -15.18 4.23
CA THR B 85 -11.65 -16.63 4.29
C THR B 85 -12.78 -17.00 5.24
N LYS B 86 -12.84 -16.35 6.40
CA LYS B 86 -13.89 -16.66 7.35
C LYS B 86 -15.26 -16.36 6.76
N ALA B 87 -15.40 -15.22 6.08
CA ALA B 87 -16.68 -14.87 5.49
C ALA B 87 -17.09 -15.86 4.41
N VAL B 88 -16.15 -16.27 3.57
CA VAL B 88 -16.48 -17.23 2.52
C VAL B 88 -16.90 -18.57 3.12
N THR B 89 -16.19 -19.02 4.15
CA THR B 89 -16.56 -20.29 4.77
C THR B 89 -17.94 -20.21 5.39
N CYS B 90 -18.23 -19.09 6.05
CA CYS B 90 -19.53 -18.88 6.68
C CYS B 90 -20.64 -18.88 5.64
N TYR B 91 -20.41 -18.20 4.51
CA TYR B 91 -21.40 -18.12 3.45
C TYR B 91 -21.65 -19.49 2.82
N THR B 92 -20.58 -20.25 2.58
CA THR B 92 -20.76 -21.59 2.01
C THR B 92 -21.47 -22.52 2.97
N SER B 93 -21.13 -22.46 4.26
CA SER B 93 -21.78 -23.33 5.23
C SER B 93 -23.26 -23.02 5.37
N ALA B 94 -23.62 -21.74 5.40
CA ALA B 94 -25.02 -21.35 5.49
C ALA B 94 -25.64 -21.23 4.11
N PRO C 2 10.48 48.29 24.54
CA PRO C 2 9.34 47.42 24.85
C PRO C 2 9.67 45.95 24.66
N HIS C 3 8.63 45.10 24.70
CA HIS C 3 8.82 43.68 24.48
C HIS C 3 9.21 43.42 23.03
N ARG C 4 10.10 42.45 22.83
CA ARG C 4 10.58 42.11 21.49
C ARG C 4 11.00 40.65 21.48
N TYR C 5 10.35 39.85 20.64
CA TYR C 5 10.71 38.45 20.49
C TYR C 5 11.90 38.32 19.55
N ARG C 6 12.85 37.47 19.91
CA ARG C 6 13.97 37.19 19.02
C ARG C 6 13.47 36.39 17.82
N PRO C 7 14.08 36.58 16.65
CA PRO C 7 13.63 35.85 15.46
C PRO C 7 13.75 34.35 15.65
N GLY C 8 12.74 33.63 15.20
CA GLY C 8 12.72 32.19 15.34
C GLY C 8 11.66 31.69 16.31
N THR C 9 11.20 32.58 17.19
CA THR C 9 10.17 32.19 18.15
C THR C 9 8.78 32.36 17.56
N VAL C 10 8.50 33.51 16.96
CA VAL C 10 7.24 33.70 16.26
C VAL C 10 7.12 32.69 15.12
N ALA C 11 8.24 32.39 14.45
CA ALA C 11 8.21 31.40 13.39
C ALA C 11 7.83 30.03 13.92
N LEU C 12 8.40 29.63 15.07
CA LEU C 12 8.03 28.34 15.65
C LEU C 12 6.57 28.32 16.07
N ARG C 13 6.08 29.42 16.64
CA ARG C 13 4.67 29.49 16.99
C ARG C 13 3.79 29.36 15.77
N GLU C 14 4.19 30.00 14.66
CA GLU C 14 3.41 29.90 13.43
C GLU C 14 3.43 28.48 12.88
N ILE C 15 4.57 27.80 12.98
CA ILE C 15 4.64 26.42 12.53
C ILE C 15 3.68 25.56 13.35
N ARG C 16 3.71 25.73 14.67
CA ARG C 16 2.81 24.97 15.52
C ARG C 16 1.34 25.29 15.20
N ARG C 17 1.06 26.56 14.94
CA ARG C 17 -0.32 26.98 14.70
C ARG C 17 -0.84 26.42 13.38
N TYR C 18 -0.08 26.57 12.31
CA TYR C 18 -0.53 26.15 11.00
C TYR C 18 -0.40 24.65 10.77
N GLN C 19 0.36 23.94 11.60
CA GLN C 19 0.36 22.49 11.52
C GLN C 19 -0.78 21.87 12.32
N LYS C 20 -1.57 22.69 13.01
CA LYS C 20 -2.70 22.22 13.78
C LYS C 20 -4.04 22.49 13.12
N SER C 21 -4.16 23.59 12.38
CA SER C 21 -5.40 23.94 11.73
C SER C 21 -5.46 23.33 10.33
N THR C 22 -6.60 23.46 9.67
CA THR C 22 -6.82 22.80 8.38
C THR C 22 -7.48 23.69 7.34
N GLU C 23 -7.51 25.00 7.53
CA GLU C 23 -8.18 25.84 6.55
C GLU C 23 -7.30 26.02 5.32
N LEU C 24 -7.88 26.63 4.29
CA LEU C 24 -7.15 26.96 3.09
C LEU C 24 -6.26 28.17 3.34
N LEU C 25 -4.99 28.06 2.95
CA LEU C 25 -4.02 29.10 3.24
C LEU C 25 -3.90 30.14 2.13
N ILE C 26 -4.65 30.00 1.05
CA ILE C 26 -4.61 30.94 -0.07
C ILE C 26 -5.99 31.58 -0.20
N ARG C 27 -6.01 32.88 -0.46
CA ARG C 27 -7.28 33.58 -0.63
C ARG C 27 -8.02 33.04 -1.84
N LYS C 28 -9.36 32.96 -1.70
CA LYS C 28 -10.16 32.22 -2.67
C LYS C 28 -10.23 32.94 -4.02
N LEU C 29 -10.55 34.23 -4.00
CA LEU C 29 -10.74 34.93 -5.28
C LEU C 29 -9.48 35.02 -6.13
N PRO C 30 -8.31 35.40 -5.59
CA PRO C 30 -7.12 35.39 -6.45
C PRO C 30 -6.81 34.02 -7.01
N PHE C 31 -7.01 32.96 -6.23
CA PHE C 31 -6.81 31.62 -6.76
C PHE C 31 -7.80 31.29 -7.87
N GLN C 32 -9.06 31.70 -7.70
CA GLN C 32 -10.05 31.46 -8.75
C GLN C 32 -9.68 32.20 -10.02
N ARG C 33 -9.24 33.45 -9.89
CA ARG C 33 -8.83 34.21 -11.05
C ARG C 33 -7.63 33.57 -11.72
N LEU C 34 -6.68 33.06 -10.93
CA LEU C 34 -5.53 32.38 -11.51
C LEU C 34 -5.95 31.15 -12.29
N VAL C 35 -6.87 30.37 -11.73
CA VAL C 35 -7.34 29.18 -12.43
C VAL C 35 -8.02 29.55 -13.73
N ARG C 36 -8.88 30.56 -13.69
CA ARG C 36 -9.58 30.97 -14.90
C ARG C 36 -8.62 31.51 -15.94
N GLU C 37 -7.60 32.25 -15.51
CA GLU C 37 -6.58 32.74 -16.42
C GLU C 37 -5.80 31.62 -17.08
N ILE C 38 -5.39 30.61 -16.30
CA ILE C 38 -4.67 29.49 -16.89
C ILE C 38 -5.55 28.72 -17.85
N ALA C 39 -6.80 28.46 -17.47
CA ALA C 39 -7.68 27.66 -18.30
C ALA C 39 -8.09 28.34 -19.59
N GLN C 40 -7.95 29.67 -19.68
CA GLN C 40 -8.42 30.37 -20.86
C GLN C 40 -7.52 30.16 -22.07
N ASP C 41 -6.30 29.66 -21.88
CA ASP C 41 -5.44 29.39 -23.02
C ASP C 41 -5.67 28.01 -23.62
N PHE C 42 -6.53 27.20 -23.01
CA PHE C 42 -6.95 25.93 -23.59
C PHE C 42 -8.24 26.05 -24.37
N LYS C 43 -9.25 26.72 -23.81
CA LYS C 43 -10.43 27.09 -24.55
C LYS C 43 -11.01 28.38 -23.98
N THR C 44 -11.64 29.16 -24.86
CA THR C 44 -12.22 30.42 -24.48
C THR C 44 -13.47 30.22 -23.63
N ASP C 45 -13.66 31.14 -22.68
CA ASP C 45 -14.91 31.31 -21.91
C ASP C 45 -15.46 29.99 -21.37
N LEU C 46 -14.57 29.19 -20.82
CA LEU C 46 -15.01 28.03 -20.06
C LEU C 46 -15.67 28.46 -18.76
N ARG C 47 -16.46 27.56 -18.20
CA ARG C 47 -17.09 27.78 -16.92
C ARG C 47 -16.60 26.75 -15.92
N PHE C 48 -16.67 27.08 -14.64
CA PHE C 48 -16.15 26.22 -13.59
C PHE C 48 -17.21 26.04 -12.52
N GLN C 49 -17.21 24.87 -11.89
CA GLN C 49 -18.01 24.67 -10.70
C GLN C 49 -17.23 25.13 -9.47
N SER C 50 -17.95 25.66 -8.50
CA SER C 50 -17.30 26.08 -7.26
C SER C 50 -16.61 24.91 -6.59
N SER C 51 -17.24 23.74 -6.61
CA SER C 51 -16.59 22.55 -6.07
C SER C 51 -15.35 22.18 -6.86
N ALA C 52 -15.36 22.41 -8.17
CA ALA C 52 -14.18 22.15 -8.97
C ALA C 52 -13.02 23.06 -8.56
N VAL C 53 -13.31 24.35 -8.35
CA VAL C 53 -12.27 25.26 -7.92
C VAL C 53 -11.75 24.86 -6.54
N MET C 54 -12.65 24.45 -5.65
CA MET C 54 -12.22 24.00 -4.33
C MET C 54 -11.33 22.78 -4.41
N ALA C 55 -11.66 21.83 -5.29
CA ALA C 55 -10.81 20.65 -5.45
C ALA C 55 -9.44 21.03 -5.96
N LEU C 56 -9.39 21.94 -6.94
CA LEU C 56 -8.10 22.40 -7.43
C LEU C 56 -7.29 23.04 -6.31
N GLN C 57 -7.93 23.86 -5.48
CA GLN C 57 -7.21 24.53 -4.42
C GLN C 57 -6.70 23.54 -3.38
N GLU C 58 -7.51 22.56 -3.01
CA GLU C 58 -7.04 21.52 -2.09
C GLU C 58 -5.81 20.83 -2.65
N ALA C 59 -5.87 20.41 -3.91
CA ALA C 59 -4.74 19.72 -4.50
C ALA C 59 -3.50 20.60 -4.53
N CYS C 60 -3.67 21.87 -4.90
CA CYS C 60 -2.52 22.76 -5.00
C CYS C 60 -1.87 22.97 -3.66
N GLU C 61 -2.67 23.21 -2.62
CA GLU C 61 -2.06 23.43 -1.30
C GLU C 61 -1.39 22.17 -0.79
N ALA C 62 -2.00 21.01 -1.00
CA ALA C 62 -1.35 19.77 -0.56
C ALA C 62 -0.02 19.57 -1.27
N TYR C 63 0.00 19.81 -2.58
CA TYR C 63 1.23 19.64 -3.34
C TYR C 63 2.31 20.58 -2.86
N LEU C 64 1.96 21.85 -2.66
CA LEU C 64 2.96 22.82 -2.21
C LEU C 64 3.46 22.48 -0.82
N VAL C 65 2.59 22.01 0.07
CA VAL C 65 3.04 21.67 1.41
C VAL C 65 4.00 20.49 1.36
N GLY C 66 3.70 19.47 0.57
CA GLY C 66 4.63 18.36 0.43
C GLY C 66 5.96 18.80 -0.14
N LEU C 67 5.93 19.66 -1.15
CA LEU C 67 7.16 20.17 -1.73
C LEU C 67 7.96 20.96 -0.70
N PHE C 68 7.28 21.69 0.17
CA PHE C 68 8.01 22.48 1.16
C PHE C 68 8.61 21.60 2.24
N GLU C 69 7.94 20.49 2.60
CA GLU C 69 8.60 19.53 3.48
C GLU C 69 9.86 18.99 2.85
N ASP C 70 9.79 18.61 1.57
CA ASP C 70 10.97 18.05 0.91
C ASP C 70 12.09 19.08 0.82
N THR C 71 11.75 20.33 0.50
CA THR C 71 12.78 21.36 0.39
C THR C 71 13.35 21.71 1.76
N ASN C 72 12.57 21.60 2.83
CA ASN C 72 13.13 21.76 4.17
C ASN C 72 14.13 20.66 4.48
N LEU C 73 13.81 19.43 4.11
CA LEU C 73 14.77 18.36 4.28
C LEU C 73 16.05 18.65 3.52
N CYS C 74 15.93 19.15 2.29
CA CYS C 74 17.11 19.48 1.51
C CYS C 74 17.95 20.54 2.19
N ALA C 75 17.30 21.60 2.67
CA ALA C 75 18.02 22.69 3.30
C ALA C 75 18.74 22.22 4.55
N ILE C 76 18.08 21.38 5.34
CA ILE C 76 18.74 20.82 6.52
C ILE C 76 19.93 19.97 6.11
N HIS C 77 19.78 19.19 5.04
CA HIS C 77 20.88 18.36 4.57
C HIS C 77 22.07 19.21 4.15
N ALA C 78 21.81 20.40 3.63
CA ALA C 78 22.88 21.30 3.24
C ALA C 78 23.47 22.08 4.42
N LYS C 79 23.21 21.64 5.65
CA LYS C 79 23.71 22.31 6.85
C LYS C 79 23.21 23.75 6.95
N ARG C 80 21.98 24.00 6.56
CA ARG C 80 21.36 25.30 6.65
C ARG C 80 20.01 25.19 7.33
N VAL C 81 19.44 26.34 7.67
CA VAL C 81 18.06 26.41 8.13
C VAL C 81 17.19 27.27 7.23
N THR C 82 17.76 28.07 6.34
CA THR C 82 17.01 28.89 5.42
C THR C 82 16.89 28.14 4.09
N ILE C 83 15.66 27.82 3.69
CA ILE C 83 15.47 27.20 2.40
C ILE C 83 15.76 28.21 1.29
N MET C 84 16.23 27.71 0.16
CA MET C 84 16.64 28.54 -0.96
C MET C 84 16.18 27.86 -2.24
N PRO C 85 16.06 28.61 -3.35
CA PRO C 85 15.54 27.99 -4.58
C PRO C 85 16.34 26.80 -5.06
N LYS C 86 17.63 26.72 -4.73
CA LYS C 86 18.38 25.50 -5.02
C LYS C 86 17.74 24.30 -4.35
N ASP C 87 17.23 24.48 -3.14
CA ASP C 87 16.61 23.38 -2.42
C ASP C 87 15.35 22.91 -3.14
N ILE C 88 14.53 23.85 -3.60
CA ILE C 88 13.32 23.48 -4.35
C ILE C 88 13.69 22.75 -5.62
N GLN C 89 14.71 23.25 -6.33
CA GLN C 89 15.11 22.61 -7.57
C GLN C 89 15.61 21.20 -7.32
N LEU C 90 16.39 21.01 -6.25
CA LEU C 90 16.87 19.67 -5.93
C LEU C 90 15.72 18.72 -5.61
N ALA C 91 14.75 19.19 -4.82
CA ALA C 91 13.61 18.35 -4.50
C ALA C 91 12.84 17.97 -5.75
N ARG C 92 12.61 18.95 -6.63
CA ARG C 92 11.87 18.67 -7.86
C ARG C 92 12.62 17.68 -8.73
N ARG C 93 13.94 17.83 -8.83
CA ARG C 93 14.71 16.91 -9.66
C ARG C 93 14.71 15.51 -9.08
N ILE C 94 14.80 15.40 -7.76
CA ILE C 94 14.84 14.07 -7.16
C ILE C 94 13.50 13.37 -7.35
N ARG C 95 12.40 14.10 -7.16
CA ARG C 95 11.07 13.51 -7.34
C ARG C 95 10.72 13.29 -8.80
N GLY C 96 11.64 13.54 -9.73
CA GLY C 96 11.40 13.23 -11.12
C GLY C 96 10.46 14.16 -11.83
N GLU C 97 10.27 15.38 -11.34
CA GLU C 97 9.42 16.36 -11.99
C GLU C 97 10.20 17.32 -12.87
N ARG C 98 11.50 17.13 -13.02
CA ARG C 98 12.33 18.05 -13.77
C ARG C 98 13.60 17.37 -14.27
N ARG D 2 -5.45 39.15 -16.77
CA ARG D 2 -4.04 38.77 -16.81
C ARG D 2 -3.34 39.13 -15.50
N ASP D 3 -2.09 38.71 -15.38
CA ASP D 3 -1.22 39.06 -14.26
C ASP D 3 -1.82 38.57 -12.92
N ASN D 4 -2.53 37.45 -12.95
CA ASN D 4 -3.15 36.93 -11.74
C ASN D 4 -2.23 36.07 -10.90
N ILE D 5 -1.05 35.73 -11.41
CA ILE D 5 -0.13 34.93 -10.62
C ILE D 5 0.33 35.67 -9.37
N GLN D 6 0.33 37.00 -9.40
CA GLN D 6 0.68 37.77 -8.22
C GLN D 6 -0.34 37.65 -7.11
N GLY D 7 -1.52 37.09 -7.39
CA GLY D 7 -2.48 36.83 -6.33
C GLY D 7 -1.98 35.85 -5.29
N ILE D 8 -1.06 34.97 -5.66
CA ILE D 8 -0.41 34.07 -4.71
C ILE D 8 0.61 34.92 -3.97
N THR D 9 0.22 35.46 -2.83
CA THR D 9 0.98 36.52 -2.19
C THR D 9 2.13 35.96 -1.36
N LYS D 10 3.06 36.86 -1.04
CA LYS D 10 4.18 36.49 -0.17
C LYS D 10 3.72 35.92 1.15
N PRO D 11 2.81 36.55 1.90
CA PRO D 11 2.38 35.93 3.17
C PRO D 11 1.71 34.58 2.99
N ALA D 12 0.97 34.39 1.89
CA ALA D 12 0.36 33.10 1.64
C ALA D 12 1.43 32.03 1.44
N ILE D 13 2.46 32.34 0.67
CA ILE D 13 3.55 31.39 0.49
C ILE D 13 4.24 31.13 1.83
N ARG D 14 4.42 32.18 2.63
CA ARG D 14 5.06 32.01 3.93
C ARG D 14 4.27 31.06 4.81
N ARG D 15 2.95 31.19 4.84
CA ARG D 15 2.19 30.32 5.72
C ARG D 15 2.08 28.91 5.16
N LEU D 16 2.11 28.74 3.83
CA LEU D 16 2.24 27.38 3.29
C LEU D 16 3.55 26.75 3.74
N ALA D 17 4.65 27.51 3.68
CA ALA D 17 5.93 26.99 4.15
C ALA D 17 5.88 26.69 5.64
N ARG D 18 5.19 27.52 6.41
CA ARG D 18 5.08 27.28 7.84
C ARG D 18 4.36 25.96 8.11
N ARG D 19 3.27 25.70 7.38
CA ARG D 19 2.61 24.41 7.53
C ARG D 19 3.55 23.29 7.13
N GLY D 20 4.35 23.51 6.09
CA GLY D 20 5.35 22.51 5.71
C GLY D 20 6.43 22.30 6.74
N GLY D 21 6.65 23.26 7.63
CA GLY D 21 7.64 23.14 8.67
C GLY D 21 8.92 23.92 8.46
N VAL D 22 8.86 25.03 7.73
CA VAL D 22 10.05 25.79 7.37
C VAL D 22 10.25 26.89 8.40
N LYS D 23 11.47 27.02 8.90
CA LYS D 23 11.76 28.05 9.90
C LYS D 23 11.88 29.43 9.26
N ARG D 24 12.78 29.59 8.29
CA ARG D 24 12.91 30.87 7.62
C ARG D 24 13.07 30.66 6.12
N ILE D 25 12.64 31.66 5.36
CA ILE D 25 12.52 31.58 3.91
C ILE D 25 13.35 32.68 3.29
N SER D 26 14.17 32.32 2.31
CA SER D 26 14.94 33.33 1.59
C SER D 26 14.03 34.08 0.62
N GLY D 27 14.45 35.28 0.25
CA GLY D 27 13.61 36.18 -0.51
C GLY D 27 13.40 35.84 -1.96
N LEU D 28 14.17 34.90 -2.51
CA LEU D 28 14.03 34.53 -3.91
C LEU D 28 13.09 33.37 -4.12
N ILE D 29 12.48 32.86 -3.06
CA ILE D 29 11.65 31.66 -3.18
C ILE D 29 10.25 31.96 -3.70
N TYR D 30 9.73 33.15 -3.45
CA TYR D 30 8.35 33.43 -3.83
C TYR D 30 8.18 33.35 -5.34
N GLU D 31 9.10 33.92 -6.11
CA GLU D 31 9.05 33.78 -7.56
C GLU D 31 9.20 32.34 -8.01
N GLU D 32 10.07 31.57 -7.40
CA GLU D 32 10.24 30.17 -7.79
C GLU D 32 8.97 29.37 -7.54
N THR D 33 8.36 29.57 -6.36
CA THR D 33 7.22 28.76 -5.99
C THR D 33 5.96 29.17 -6.75
N ARG D 34 5.81 30.45 -7.09
CA ARG D 34 4.65 30.78 -7.89
C ARG D 34 4.82 30.39 -9.35
N GLY D 35 6.00 29.95 -9.75
CA GLY D 35 6.18 29.34 -11.06
C GLY D 35 5.92 27.86 -10.99
N VAL D 36 6.40 27.23 -9.93
CA VAL D 36 6.12 25.82 -9.70
C VAL D 36 4.62 25.58 -9.62
N LEU D 37 3.92 26.45 -8.89
CA LEU D 37 2.48 26.30 -8.73
C LEU D 37 1.78 26.37 -10.07
N LYS D 38 2.18 27.32 -10.93
CA LYS D 38 1.47 27.46 -12.18
C LYS D 38 1.81 26.31 -13.13
N VAL D 39 3.01 25.75 -13.04
CA VAL D 39 3.29 24.56 -13.83
C VAL D 39 2.38 23.41 -13.42
N PHE D 40 2.26 23.19 -12.10
CA PHE D 40 1.39 22.13 -11.61
C PHE D 40 -0.06 22.37 -12.02
N LEU D 41 -0.51 23.61 -11.91
CA LEU D 41 -1.89 23.95 -12.28
C LEU D 41 -2.13 23.75 -13.76
N GLU D 42 -1.16 24.13 -14.60
CA GLU D 42 -1.32 23.90 -16.04
C GLU D 42 -1.46 22.42 -16.32
N ASN D 43 -0.61 21.61 -15.72
CA ASN D 43 -0.67 20.17 -15.98
C ASN D 43 -2.02 19.58 -15.56
N VAL D 44 -2.54 20.00 -14.41
CA VAL D 44 -3.82 19.46 -13.96
C VAL D 44 -4.97 19.98 -14.82
N ILE D 45 -4.98 21.28 -15.08
CA ILE D 45 -6.10 21.92 -15.77
C ILE D 45 -6.20 21.45 -17.21
N ARG D 46 -5.07 21.18 -17.86
CA ARG D 46 -5.13 20.69 -19.23
C ARG D 46 -5.87 19.36 -19.30
N ASP D 47 -5.54 18.44 -18.40
CA ASP D 47 -6.23 17.16 -18.38
C ASP D 47 -7.70 17.33 -18.03
N ALA D 48 -8.01 18.22 -17.07
CA ALA D 48 -9.40 18.44 -16.71
C ALA D 48 -10.19 18.97 -17.90
N VAL D 49 -9.61 19.90 -18.65
CA VAL D 49 -10.30 20.48 -19.79
C VAL D 49 -10.47 19.46 -20.91
N THR D 50 -9.46 18.61 -21.13
CA THR D 50 -9.65 17.55 -22.13
C THR D 50 -10.77 16.60 -21.74
N TYR D 51 -10.84 16.23 -20.46
CA TYR D 51 -11.98 15.43 -20.00
C TYR D 51 -13.29 16.14 -20.29
N THR D 52 -13.37 17.42 -19.94
CA THR D 52 -14.62 18.16 -20.13
C THR D 52 -15.02 18.20 -21.60
N GLU D 53 -14.07 18.48 -22.48
CA GLU D 53 -14.41 18.62 -23.89
C GLU D 53 -14.73 17.28 -24.54
N HIS D 54 -14.12 16.19 -24.02
CA HIS D 54 -14.59 14.89 -24.45
C HIS D 54 -16.03 14.66 -24.03
N ALA D 55 -16.40 15.16 -22.84
CA ALA D 55 -17.78 15.00 -22.40
C ALA D 55 -18.73 15.96 -23.09
N LYS D 56 -18.25 16.79 -24.02
CA LYS D 56 -19.08 17.74 -24.75
C LYS D 56 -19.77 18.72 -23.81
N ARG D 57 -19.04 19.21 -22.82
CA ARG D 57 -19.57 20.15 -21.85
C ARG D 57 -18.86 21.50 -21.97
N LYS D 58 -19.45 22.51 -21.34
CA LYS D 58 -18.86 23.83 -21.27
C LYS D 58 -18.42 24.23 -19.87
N THR D 59 -18.78 23.46 -18.85
CA THR D 59 -18.36 23.74 -17.49
C THR D 59 -17.47 22.61 -16.98
N VAL D 60 -16.39 22.98 -16.32
CA VAL D 60 -15.46 22.03 -15.73
C VAL D 60 -16.05 21.57 -14.41
N THR D 61 -16.13 20.27 -14.21
CA THR D 61 -16.74 19.75 -12.99
C THR D 61 -15.69 19.22 -12.03
N ALA D 62 -16.09 19.17 -10.75
CA ALA D 62 -15.20 18.65 -9.73
C ALA D 62 -14.82 17.21 -10.02
N MET D 63 -15.74 16.46 -10.61
CA MET D 63 -15.43 15.07 -10.93
C MET D 63 -14.37 14.99 -12.03
N ASP D 64 -14.44 15.90 -13.01
CA ASP D 64 -13.40 15.98 -14.02
C ASP D 64 -12.06 16.33 -13.41
N VAL D 65 -12.05 17.26 -12.46
CA VAL D 65 -10.80 17.61 -11.80
C VAL D 65 -10.25 16.42 -11.03
N VAL D 66 -11.13 15.68 -10.36
CA VAL D 66 -10.70 14.51 -9.61
C VAL D 66 -10.09 13.47 -10.55
N TYR D 67 -10.73 13.26 -11.70
CA TYR D 67 -10.17 12.33 -12.68
C TYR D 67 -8.81 12.80 -13.16
N ALA D 68 -8.66 14.09 -13.45
CA ALA D 68 -7.39 14.61 -13.91
C ALA D 68 -6.30 14.40 -12.87
N LEU D 69 -6.62 14.65 -11.60
CA LEU D 69 -5.64 14.40 -10.54
C LEU D 69 -5.30 12.93 -10.44
N LYS D 70 -6.32 12.07 -10.52
CA LYS D 70 -6.09 10.64 -10.43
C LYS D 70 -5.20 10.14 -11.55
N ARG D 71 -5.27 10.79 -12.71
CA ARG D 71 -4.43 10.40 -13.83
C ARG D 71 -2.96 10.67 -13.55
N GLN D 72 -2.64 11.50 -12.57
CA GLN D 72 -1.27 11.83 -12.22
C GLN D 72 -0.82 11.20 -10.91
N GLY D 73 -1.55 10.20 -10.42
CA GLY D 73 -1.18 9.58 -9.16
C GLY D 73 -1.34 10.47 -7.95
N ARG D 74 -2.33 11.36 -7.97
CA ARG D 74 -2.61 12.29 -6.89
C ARG D 74 -4.06 12.20 -6.48
N THR D 75 -4.54 10.99 -6.22
CA THR D 75 -5.95 10.79 -5.90
C THR D 75 -6.38 11.68 -4.73
N LEU D 76 -7.55 12.28 -4.87
CA LEU D 76 -8.07 13.22 -3.89
C LEU D 76 -9.39 12.68 -3.36
N TYR D 77 -9.54 12.69 -2.04
CA TYR D 77 -10.74 12.18 -1.40
C TYR D 77 -11.62 13.34 -0.96
N GLY D 78 -12.93 13.18 -1.11
CA GLY D 78 -13.88 14.14 -0.58
C GLY D 78 -14.61 14.96 -1.62
N PHE D 79 -14.54 14.63 -2.91
CA PHE D 79 -15.25 15.40 -3.92
C PHE D 79 -16.03 14.51 -4.87
N GLY D 80 -16.26 13.26 -4.50
CA GLY D 80 -17.01 12.35 -5.34
C GLY D 80 -16.28 11.04 -5.59
N ALA E 1 -16.01 -16.36 -54.24
CA ALA E 1 -16.05 -15.58 -55.47
C ALA E 1 -16.80 -14.26 -55.26
N ARG E 2 -16.48 -13.58 -54.16
CA ARG E 2 -17.13 -12.33 -53.81
C ARG E 2 -16.38 -11.13 -54.36
N ALA E 3 -15.12 -10.97 -53.95
CA ALA E 3 -14.27 -9.87 -54.37
C ALA E 3 -12.87 -10.13 -53.83
N LYS E 4 -11.88 -9.46 -54.43
CA LYS E 4 -10.52 -9.57 -53.92
C LYS E 4 -10.42 -8.89 -52.57
N ALA E 5 -9.93 -9.62 -51.57
CA ALA E 5 -9.90 -9.12 -50.21
C ALA E 5 -8.85 -8.03 -50.07
N LYS E 6 -9.30 -6.84 -49.69
CA LYS E 6 -8.41 -5.72 -49.39
C LYS E 6 -8.31 -5.58 -47.88
N THR E 7 -7.09 -5.68 -47.36
CA THR E 7 -6.90 -5.58 -45.92
C THR E 7 -7.24 -4.18 -45.44
N ARG E 8 -7.80 -4.09 -44.23
CA ARG E 8 -8.17 -2.79 -43.70
C ARG E 8 -6.96 -1.90 -43.51
N SER E 9 -5.81 -2.49 -43.20
CA SER E 9 -4.58 -1.71 -43.13
C SER E 9 -4.25 -1.08 -44.48
N SER E 10 -4.40 -1.84 -45.56
CA SER E 10 -4.20 -1.28 -46.89
C SER E 10 -5.23 -0.21 -47.21
N ARG E 11 -6.47 -0.41 -46.78
CA ARG E 11 -7.50 0.60 -47.00
C ARG E 11 -7.13 1.90 -46.29
N ALA E 12 -6.59 1.81 -45.08
CA ALA E 12 -6.18 2.98 -44.33
C ALA E 12 -4.77 3.44 -44.69
N GLY E 13 -4.08 2.73 -45.56
CA GLY E 13 -2.73 3.12 -45.92
C GLY E 13 -1.74 3.03 -44.78
N LEU E 14 -1.85 1.99 -43.96
CA LEU E 14 -0.98 1.79 -42.82
C LEU E 14 -0.29 0.44 -42.93
N GLN E 15 0.88 0.34 -42.31
CA GLN E 15 1.61 -0.92 -42.26
C GLN E 15 1.22 -1.79 -41.09
N PHE E 16 0.75 -1.19 -40.00
CA PHE E 16 0.35 -1.97 -38.84
C PHE E 16 -0.97 -2.69 -39.09
N PRO E 17 -1.18 -3.85 -38.48
CA PRO E 17 -2.40 -4.60 -38.75
C PRO E 17 -3.59 -4.00 -38.02
N VAL E 18 -4.65 -3.73 -38.78
CA VAL E 18 -5.87 -3.20 -38.19
C VAL E 18 -6.74 -4.33 -37.66
N GLY E 19 -6.78 -5.46 -38.36
CA GLY E 19 -7.57 -6.59 -37.88
C GLY E 19 -7.05 -7.13 -36.56
N ARG E 20 -5.73 -7.22 -36.42
CA ARG E 20 -5.17 -7.71 -35.16
C ARG E 20 -5.47 -6.75 -34.02
N VAL E 21 -5.38 -5.45 -34.27
CA VAL E 21 -5.72 -4.46 -33.25
C VAL E 21 -7.18 -4.59 -32.85
N HIS E 22 -8.06 -4.76 -33.83
CA HIS E 22 -9.47 -4.92 -33.53
C HIS E 22 -9.73 -6.17 -32.70
N ARG E 23 -9.07 -7.27 -33.06
CA ARG E 23 -9.24 -8.50 -32.29
C ARG E 23 -8.75 -8.33 -30.86
N LEU E 24 -7.61 -7.67 -30.68
CA LEU E 24 -7.11 -7.44 -29.32
C LEU E 24 -8.03 -6.54 -28.52
N LEU E 25 -8.60 -5.51 -29.16
CA LEU E 25 -9.53 -4.65 -28.45
C LEU E 25 -10.78 -5.41 -28.04
N ARG E 26 -11.31 -6.25 -28.94
CA ARG E 26 -12.51 -7.01 -28.61
C ARG E 26 -12.24 -8.08 -27.57
N LYS E 27 -11.07 -8.70 -27.61
CA LYS E 27 -10.70 -9.75 -26.68
C LYS E 27 -10.11 -9.19 -25.39
N GLY E 28 -9.58 -7.98 -25.41
CA GLY E 28 -8.93 -7.41 -24.26
C GLY E 28 -9.84 -7.01 -23.14
N ASN E 29 -11.16 -7.13 -23.33
CA ASN E 29 -12.14 -6.85 -22.28
C ASN E 29 -12.03 -5.40 -21.81
N TYR E 30 -12.00 -4.49 -22.77
CA TYR E 30 -11.99 -3.05 -22.49
C TYR E 30 -13.38 -2.44 -22.57
N SER E 31 -14.20 -2.90 -23.50
CA SER E 31 -15.60 -2.51 -23.59
C SER E 31 -16.34 -3.59 -24.35
N GLU E 32 -17.65 -3.63 -24.17
CA GLU E 32 -18.45 -4.67 -24.81
C GLU E 32 -18.60 -4.40 -26.31
N ARG E 33 -18.54 -3.15 -26.73
CA ARG E 33 -18.64 -2.82 -28.14
C ARG E 33 -17.48 -1.92 -28.55
N VAL E 34 -17.03 -2.10 -29.78
CA VAL E 34 -15.87 -1.38 -30.31
C VAL E 34 -16.27 -0.72 -31.61
N GLY E 35 -15.97 0.56 -31.74
CA GLY E 35 -16.30 1.30 -32.94
C GLY E 35 -15.49 0.83 -34.13
N ALA E 36 -15.92 1.27 -35.31
CA ALA E 36 -15.23 0.86 -36.53
C ALA E 36 -13.91 1.59 -36.69
N GLY E 37 -13.88 2.89 -36.40
CA GLY E 37 -12.68 3.67 -36.58
C GLY E 37 -11.67 3.59 -35.47
N ALA E 38 -12.04 3.02 -34.32
CA ALA E 38 -11.11 2.93 -33.21
C ALA E 38 -9.88 2.09 -33.53
N PRO E 39 -9.99 0.88 -34.08
CA PRO E 39 -8.77 0.15 -34.46
C PRO E 39 -7.94 0.88 -35.48
N VAL E 40 -8.57 1.57 -36.43
CA VAL E 40 -7.81 2.33 -37.43
C VAL E 40 -7.00 3.43 -36.77
N TYR E 41 -7.63 4.18 -35.89
CA TYR E 41 -6.95 5.29 -35.22
C TYR E 41 -5.81 4.76 -34.36
N LEU E 42 -6.08 3.69 -33.61
CA LEU E 42 -5.05 3.13 -32.74
C LEU E 42 -3.86 2.60 -33.54
N ALA E 43 -4.12 1.92 -34.65
CA ALA E 43 -3.05 1.42 -35.48
C ALA E 43 -2.22 2.56 -36.05
N ALA E 44 -2.88 3.64 -36.49
CA ALA E 44 -2.15 4.78 -37.00
C ALA E 44 -1.24 5.38 -35.94
N VAL E 45 -1.74 5.53 -34.72
CA VAL E 45 -0.94 6.12 -33.65
C VAL E 45 0.25 5.24 -33.33
N LEU E 46 0.02 3.93 -33.22
CA LEU E 46 1.12 3.01 -32.93
C LEU E 46 2.17 3.05 -34.03
N GLU E 47 1.72 3.09 -35.28
CA GLU E 47 2.67 3.17 -36.39
C GLU E 47 3.49 4.45 -36.33
N TYR E 48 2.84 5.57 -36.03
CA TYR E 48 3.58 6.83 -35.97
C TYR E 48 4.62 6.81 -34.87
N LEU E 49 4.25 6.30 -33.68
CA LEU E 49 5.21 6.24 -32.59
C LEU E 49 6.37 5.32 -32.92
N THR E 50 6.08 4.15 -33.49
CA THR E 50 7.15 3.25 -33.89
C THR E 50 8.07 3.89 -34.90
N ALA E 51 7.50 4.59 -35.88
CA ALA E 51 8.32 5.26 -36.89
C ALA E 51 9.22 6.31 -36.26
N GLU E 52 8.68 7.09 -35.32
CA GLU E 52 9.49 8.11 -34.66
C GLU E 52 10.68 7.49 -33.93
N ILE E 53 10.42 6.48 -33.10
CA ILE E 53 11.51 5.88 -32.34
C ILE E 53 12.50 5.21 -33.27
N LEU E 54 12.03 4.53 -34.30
CA LEU E 54 12.95 3.86 -35.21
C LEU E 54 13.82 4.85 -35.95
N GLU E 55 13.24 5.98 -36.36
CA GLU E 55 14.05 7.00 -37.03
C GLU E 55 15.12 7.54 -36.10
N LEU E 56 14.74 7.85 -34.86
CA LEU E 56 15.74 8.37 -33.93
C LEU E 56 16.84 7.34 -33.65
N ALA E 57 16.46 6.09 -33.49
CA ALA E 57 17.45 5.04 -33.23
C ALA E 57 18.36 4.83 -34.42
N GLY E 58 17.82 4.88 -35.64
CA GLY E 58 18.65 4.76 -36.81
C GLY E 58 19.63 5.91 -36.92
N ASN E 59 19.18 7.13 -36.63
CA ASN E 59 20.10 8.26 -36.61
C ASN E 59 21.19 8.06 -35.58
N ALA E 60 20.84 7.56 -34.39
CA ALA E 60 21.84 7.32 -33.37
C ALA E 60 22.85 6.27 -33.82
N ALA E 61 22.37 5.19 -34.43
CA ALA E 61 23.28 4.15 -34.90
C ALA E 61 24.20 4.66 -36.00
N ARG E 62 23.65 5.45 -36.92
CA ARG E 62 24.48 6.06 -37.96
C ARG E 62 25.50 7.01 -37.36
N ASP E 63 25.16 7.68 -36.26
CA ASP E 63 26.13 8.50 -35.55
C ASP E 63 27.28 7.66 -35.02
N ASN E 64 27.00 6.47 -34.48
CA ASN E 64 28.00 5.57 -33.96
C ASN E 64 28.67 4.78 -35.07
N LYS E 65 28.21 4.96 -36.31
CA LYS E 65 28.78 4.29 -37.49
C LYS E 65 28.54 2.79 -37.45
N LYS E 66 27.32 2.40 -37.09
CA LYS E 66 26.87 1.01 -37.18
C LYS E 66 25.68 0.94 -38.13
N THR E 67 25.38 -0.27 -38.62
CA THR E 67 24.26 -0.47 -39.50
C THR E 67 23.13 -1.26 -38.88
N ARG E 68 23.27 -1.71 -37.63
CA ARG E 68 22.20 -2.37 -36.91
C ARG E 68 21.83 -1.57 -35.68
N ILE E 69 20.55 -1.62 -35.33
CA ILE E 69 20.03 -0.94 -34.15
C ILE E 69 20.07 -1.93 -32.99
N ILE E 70 20.68 -1.52 -31.88
CA ILE E 70 20.75 -2.36 -30.70
C ILE E 70 20.07 -1.64 -29.54
N PRO E 71 19.83 -2.33 -28.42
CA PRO E 71 19.22 -1.65 -27.27
C PRO E 71 19.95 -0.41 -26.82
N ARG E 72 21.27 -0.35 -26.98
CA ARG E 72 21.98 0.87 -26.64
C ARG E 72 21.51 2.03 -27.50
N HIS E 73 21.36 1.80 -28.80
CA HIS E 73 20.85 2.85 -29.68
C HIS E 73 19.43 3.23 -29.32
N LEU E 74 18.59 2.24 -29.00
CA LEU E 74 17.22 2.56 -28.61
C LEU E 74 17.21 3.42 -27.35
N GLN E 75 18.04 3.08 -26.37
CA GLN E 75 18.09 3.86 -25.14
C GLN E 75 18.57 5.28 -25.40
N LEU E 76 19.60 5.43 -26.24
CA LEU E 76 20.08 6.77 -26.56
C LEU E 76 18.99 7.59 -27.24
N ALA E 77 18.30 6.99 -28.20
CA ALA E 77 17.24 7.72 -28.90
C ALA E 77 16.13 8.11 -27.95
N ILE E 78 15.77 7.23 -27.02
CA ILE E 78 14.70 7.52 -26.09
C ILE E 78 15.10 8.63 -25.14
N ARG E 79 16.29 8.54 -24.56
CA ARG E 79 16.69 9.48 -23.52
C ARG E 79 17.12 10.83 -24.09
N ASN E 80 17.43 10.91 -25.38
CA ASN E 80 17.82 12.19 -25.94
C ASN E 80 16.63 13.07 -26.29
N ASP E 81 15.56 12.50 -26.85
CA ASP E 81 14.38 13.28 -27.17
C ASP E 81 13.58 13.54 -25.91
N GLU E 82 13.27 14.82 -25.65
CA GLU E 82 12.60 15.18 -24.41
C GLU E 82 11.19 14.60 -24.37
N GLU E 83 10.47 14.63 -25.49
CA GLU E 83 9.10 14.11 -25.51
C GLU E 83 9.08 12.62 -25.20
N LEU E 84 9.91 11.84 -25.89
CA LEU E 84 9.95 10.41 -25.63
C LEU E 84 10.46 10.10 -24.25
N ASN E 85 11.42 10.89 -23.75
CA ASN E 85 11.90 10.69 -22.39
C ASN E 85 10.78 10.88 -21.38
N LYS E 86 9.96 11.91 -21.56
CA LYS E 86 8.82 12.09 -20.70
C LYS E 86 7.81 10.96 -20.83
N LEU E 87 7.59 10.48 -22.06
CA LEU E 87 6.63 9.41 -22.28
C LEU E 87 7.07 8.13 -21.60
N LEU E 88 8.36 7.82 -21.65
CA LEU E 88 8.90 6.56 -21.15
C LEU E 88 9.85 6.80 -19.97
N GLY E 89 9.44 7.68 -19.06
CA GLY E 89 10.31 8.01 -17.93
C GLY E 89 10.42 6.93 -16.88
N ARG E 90 9.47 6.02 -16.82
CA ARG E 90 9.45 4.96 -15.83
C ARG E 90 9.74 3.59 -16.46
N VAL E 91 10.51 3.57 -17.53
CA VAL E 91 10.74 2.36 -18.30
C VAL E 91 12.23 2.03 -18.26
N THR E 92 12.54 0.77 -17.94
CA THR E 92 13.89 0.25 -18.00
C THR E 92 14.09 -0.49 -19.30
N ILE E 93 15.19 -0.19 -20.00
CA ILE E 93 15.52 -0.85 -21.26
C ILE E 93 16.66 -1.81 -20.98
N ALA E 94 16.43 -3.10 -21.24
CA ALA E 94 17.46 -4.10 -20.98
C ALA E 94 18.66 -3.85 -21.87
N GLN E 95 19.86 -4.00 -21.29
CA GLN E 95 21.12 -3.72 -21.98
C GLN E 95 21.11 -2.33 -22.62
N GLY E 96 20.59 -1.36 -21.88
CA GLY E 96 20.42 -0.03 -22.42
C GLY E 96 21.51 0.94 -22.02
N GLY E 97 22.11 0.73 -20.86
CA GLY E 97 23.10 1.68 -20.37
C GLY E 97 22.45 2.97 -19.93
N VAL E 98 23.27 4.02 -19.85
CA VAL E 98 22.83 5.34 -19.42
C VAL E 98 23.42 6.38 -20.37
N LEU E 99 22.87 7.59 -20.29
CA LEU E 99 23.41 8.70 -21.05
C LEU E 99 24.78 9.09 -20.50
N PRO E 100 25.79 9.19 -21.33
CA PRO E 100 27.11 9.60 -20.83
C PRO E 100 27.15 11.08 -20.48
N ASN E 101 27.15 11.39 -19.19
CA ASN E 101 27.20 12.77 -18.73
C ASN E 101 27.85 12.81 -17.35
N ILE E 102 28.65 13.84 -17.12
CA ILE E 102 29.35 14.03 -15.85
C ILE E 102 29.05 15.43 -15.35
N GLN E 103 28.72 15.54 -14.06
CA GLN E 103 28.44 16.85 -13.48
C GLN E 103 29.66 17.75 -13.55
N ALA E 104 29.43 19.03 -13.81
CA ALA E 104 30.52 19.97 -14.04
C ALA E 104 31.41 20.15 -12.80
N VAL E 105 30.86 19.95 -11.61
CA VAL E 105 31.67 20.13 -10.39
C VAL E 105 32.79 19.10 -10.35
N LEU E 106 32.50 17.87 -10.74
CA LEU E 106 33.48 16.79 -10.66
C LEU E 106 34.67 17.00 -11.59
N LEU E 107 34.50 17.75 -12.67
CA LEU E 107 35.58 17.94 -13.62
C LEU E 107 36.68 18.81 -13.01
N PRO E 108 37.94 18.43 -13.20
CA PRO E 108 39.04 19.23 -12.64
C PRO E 108 39.21 20.55 -13.38
N LYS E 109 39.75 21.52 -12.65
CA LYS E 109 40.00 22.85 -13.21
C LYS E 109 41.02 23.61 -12.37
N ARG F 1 3.33 -27.01 -29.01
CA ARG F 1 3.49 -26.30 -30.27
C ARG F 1 2.57 -25.10 -30.38
N SER F 2 2.50 -24.33 -29.29
CA SER F 2 1.68 -23.13 -29.29
C SER F 2 2.31 -22.05 -30.16
N ARG F 3 1.44 -21.20 -30.72
CA ARG F 3 1.87 -20.08 -31.54
C ARG F 3 1.66 -18.77 -30.78
N LYS F 4 2.68 -17.93 -30.76
CA LYS F 4 2.62 -16.64 -30.10
C LYS F 4 2.77 -15.53 -31.14
N GLU F 5 1.97 -14.48 -31.00
CA GLU F 5 1.94 -13.39 -31.96
C GLU F 5 2.75 -12.20 -31.47
N SER F 6 3.32 -11.47 -32.42
CA SER F 6 4.12 -10.29 -32.12
C SER F 6 4.01 -9.32 -33.30
N TYR F 7 4.67 -8.17 -33.16
CA TYR F 7 4.64 -7.13 -34.17
C TYR F 7 5.95 -7.05 -34.95
N SER F 8 6.73 -8.13 -34.95
CA SER F 8 8.05 -8.09 -35.56
C SER F 8 7.97 -7.75 -37.04
N VAL F 9 7.02 -8.35 -37.76
CA VAL F 9 6.90 -8.11 -39.18
C VAL F 9 6.66 -6.64 -39.47
N TYR F 10 5.66 -6.06 -38.79
CA TYR F 10 5.29 -4.68 -39.07
C TYR F 10 6.38 -3.71 -38.63
N VAL F 11 7.04 -4.00 -37.51
CA VAL F 11 8.16 -3.15 -37.09
C VAL F 11 9.27 -3.19 -38.12
N TYR F 12 9.55 -4.37 -38.67
CA TYR F 12 10.58 -4.47 -39.69
C TYR F 12 10.20 -3.70 -40.95
N LYS F 13 8.94 -3.78 -41.37
CA LYS F 13 8.50 -3.02 -42.54
C LYS F 13 8.61 -1.52 -42.31
N VAL F 14 8.24 -1.06 -41.11
CA VAL F 14 8.38 0.36 -40.80
C VAL F 14 9.85 0.77 -40.82
N LEU F 15 10.72 -0.09 -40.29
CA LEU F 15 12.14 0.22 -40.31
C LEU F 15 12.65 0.33 -41.74
N LYS F 16 12.26 -0.61 -42.60
CA LYS F 16 12.66 -0.55 -43.99
C LYS F 16 12.11 0.68 -44.69
N GLN F 17 10.94 1.15 -44.29
CA GLN F 17 10.39 2.37 -44.87
C GLN F 17 11.13 3.61 -44.41
N VAL F 18 11.59 3.65 -43.15
CA VAL F 18 12.23 4.84 -42.61
C VAL F 18 13.71 4.87 -43.02
N HIS F 19 14.47 3.87 -42.58
CA HIS F 19 15.87 3.71 -42.98
C HIS F 19 15.95 2.48 -43.87
N PRO F 20 15.98 2.65 -45.19
CA PRO F 20 15.96 1.47 -46.08
C PRO F 20 17.17 0.56 -45.92
N ASP F 21 18.28 1.07 -45.38
CA ASP F 21 19.53 0.35 -45.33
C ASP F 21 20.04 0.20 -43.90
N THR F 22 19.15 -0.16 -42.98
CA THR F 22 19.52 -0.36 -41.58
C THR F 22 18.87 -1.62 -41.05
N GLY F 23 19.62 -2.38 -40.25
CA GLY F 23 19.12 -3.59 -39.64
C GLY F 23 18.77 -3.39 -38.18
N ILE F 24 18.23 -4.45 -37.59
CA ILE F 24 17.81 -4.42 -36.19
C ILE F 24 18.11 -5.77 -35.57
N SER F 25 18.65 -5.74 -34.36
CA SER F 25 19.02 -6.96 -33.66
C SER F 25 17.77 -7.69 -33.19
N SER F 26 17.94 -8.97 -32.84
CA SER F 26 16.84 -9.73 -32.28
C SER F 26 16.40 -9.14 -30.94
N LYS F 27 17.36 -8.77 -30.10
CA LYS F 27 17.00 -8.23 -28.80
C LYS F 27 16.35 -6.86 -28.91
N ALA F 28 16.74 -6.06 -29.91
CA ALA F 28 16.08 -4.79 -30.11
C ALA F 28 14.64 -5.00 -30.55
N MET F 29 14.38 -6.03 -31.34
CA MET F 29 13.01 -6.34 -31.74
C MET F 29 12.15 -6.67 -30.53
N GLY F 30 12.72 -7.35 -29.54
CA GLY F 30 11.97 -7.61 -28.33
C GLY F 30 11.58 -6.33 -27.61
N ILE F 31 12.48 -5.36 -27.58
CA ILE F 31 12.17 -4.08 -26.96
C ILE F 31 11.08 -3.36 -27.73
N MET F 32 11.13 -3.39 -29.06
CA MET F 32 10.07 -2.76 -29.83
C MET F 32 8.73 -3.44 -29.59
N ASN F 33 8.73 -4.77 -29.49
CA ASN F 33 7.49 -5.49 -29.21
C ASN F 33 6.92 -5.10 -27.86
N SER F 34 7.78 -5.04 -26.84
CA SER F 34 7.32 -4.64 -25.52
C SER F 34 6.79 -3.22 -25.54
N PHE F 35 7.45 -2.33 -26.27
CA PHE F 35 7.01 -0.94 -26.34
C PHE F 35 5.63 -0.84 -26.98
N VAL F 36 5.43 -1.56 -28.09
CA VAL F 36 4.14 -1.53 -28.76
C VAL F 36 3.05 -2.07 -27.85
N ASN F 37 3.31 -3.19 -27.17
CA ASN F 37 2.31 -3.73 -26.26
C ASN F 37 2.01 -2.75 -25.13
N ASP F 38 3.04 -2.09 -24.60
CA ASP F 38 2.83 -1.13 -23.53
C ASP F 38 1.95 0.03 -23.97
N ILE F 39 2.25 0.62 -25.12
CA ILE F 39 1.47 1.75 -25.59
C ILE F 39 0.04 1.32 -25.91
N PHE F 40 -0.12 0.15 -26.50
CA PHE F 40 -1.46 -0.35 -26.77
C PHE F 40 -2.25 -0.49 -25.48
N GLU F 41 -1.64 -1.08 -24.46
CA GLU F 41 -2.35 -1.27 -23.19
C GLU F 41 -2.70 0.08 -22.57
N ARG F 42 -1.76 1.03 -22.60
CA ARG F 42 -2.04 2.35 -22.03
C ARG F 42 -3.23 3.00 -22.71
N ILE F 43 -3.20 3.08 -24.05
CA ILE F 43 -4.27 3.77 -24.76
C ILE F 43 -5.59 3.05 -24.61
N ALA F 44 -5.58 1.72 -24.67
CA ALA F 44 -6.82 0.98 -24.51
C ALA F 44 -7.41 1.19 -23.13
N GLY F 45 -6.58 1.16 -22.08
CA GLY F 45 -7.09 1.38 -20.75
C GLY F 45 -7.65 2.78 -20.57
N GLU F 46 -6.96 3.78 -21.11
CA GLU F 46 -7.46 5.14 -20.97
C GLU F 46 -8.77 5.32 -21.72
N ALA F 47 -8.88 4.74 -22.91
CA ALA F 47 -10.13 4.85 -23.66
C ALA F 47 -11.28 4.15 -22.93
N SER F 48 -11.00 2.97 -22.36
CA SER F 48 -12.04 2.28 -21.60
C SER F 48 -12.46 3.11 -20.39
N ARG F 49 -11.51 3.77 -19.75
CA ARG F 49 -11.83 4.59 -18.59
C ARG F 49 -12.71 5.77 -19.00
N LEU F 50 -12.41 6.38 -20.15
CA LEU F 50 -13.27 7.45 -20.67
C LEU F 50 -14.67 6.93 -20.94
N ALA F 51 -14.78 5.78 -21.58
CA ALA F 51 -16.09 5.24 -21.90
C ALA F 51 -16.90 4.99 -20.64
N HIS F 52 -16.25 4.45 -19.61
CA HIS F 52 -16.95 4.26 -18.34
C HIS F 52 -17.35 5.59 -17.71
N TYR F 53 -16.48 6.60 -17.80
CA TYR F 53 -16.80 7.89 -17.20
C TYR F 53 -18.04 8.49 -17.83
N ASN F 54 -18.14 8.42 -19.15
CA ASN F 54 -19.26 9.05 -19.84
C ASN F 54 -20.47 8.12 -19.95
N LYS F 55 -20.49 7.02 -19.20
CA LYS F 55 -21.61 6.07 -19.22
C LYS F 55 -21.85 5.56 -20.64
N ARG F 56 -20.78 5.45 -21.41
CA ARG F 56 -20.84 4.98 -22.78
C ARG F 56 -20.37 3.54 -22.85
N SER F 57 -20.96 2.78 -23.78
CA SER F 57 -20.67 1.35 -23.89
C SER F 57 -19.87 1.02 -25.13
N THR F 58 -19.39 2.01 -25.87
CA THR F 58 -18.67 1.79 -27.12
C THR F 58 -17.40 2.59 -27.13
N ILE F 59 -16.31 1.97 -27.57
CA ILE F 59 -15.03 2.66 -27.76
C ILE F 59 -14.96 3.07 -29.22
N THR F 60 -15.15 4.35 -29.49
CA THR F 60 -15.11 4.87 -30.85
C THR F 60 -13.77 5.56 -31.08
N SER F 61 -13.63 6.20 -32.24
CA SER F 61 -12.41 6.93 -32.52
C SER F 61 -12.25 8.15 -31.63
N ARG F 62 -13.35 8.73 -31.16
CA ARG F 62 -13.25 9.91 -30.31
C ARG F 62 -12.55 9.59 -29.00
N GLU F 63 -12.90 8.46 -28.38
CA GLU F 63 -12.21 8.07 -27.16
C GLU F 63 -10.74 7.80 -27.40
N ILE F 64 -10.40 7.18 -28.53
CA ILE F 64 -9.00 6.93 -28.82
C ILE F 64 -8.25 8.24 -28.99
N GLN F 65 -8.84 9.20 -29.69
CA GLN F 65 -8.18 10.49 -29.86
C GLN F 65 -8.01 11.20 -28.52
N THR F 66 -9.04 11.17 -27.68
CA THR F 66 -8.92 11.81 -26.37
C THR F 66 -7.85 11.15 -25.52
N ALA F 67 -7.79 9.81 -25.55
CA ALA F 67 -6.77 9.11 -24.78
C ALA F 67 -5.38 9.43 -25.30
N VAL F 68 -5.22 9.52 -26.62
CA VAL F 68 -3.92 9.89 -27.18
C VAL F 68 -3.54 11.28 -26.72
N ARG F 69 -4.49 12.21 -26.71
CA ARG F 69 -4.21 13.55 -26.22
C ARG F 69 -3.81 13.54 -24.75
N LEU F 70 -4.47 12.69 -23.95
CA LEU F 70 -4.14 12.61 -22.53
C LEU F 70 -2.75 12.04 -22.30
N LEU F 71 -2.38 11.00 -23.04
CA LEU F 71 -1.10 10.35 -22.82
C LEU F 71 0.05 11.11 -23.45
N LEU F 72 0.03 11.27 -24.76
CA LEU F 72 1.17 11.84 -25.47
C LEU F 72 1.32 13.32 -25.13
N PRO F 73 2.53 13.79 -24.87
CA PRO F 73 2.73 15.20 -24.54
C PRO F 73 3.03 16.09 -25.73
N GLY F 74 2.33 17.22 -25.78
CA GLY F 74 2.70 18.30 -26.67
C GLY F 74 2.73 17.93 -28.15
N GLU F 75 3.85 18.29 -28.79
CA GLU F 75 3.94 18.18 -30.24
C GLU F 75 3.80 16.74 -30.70
N LEU F 76 4.28 15.80 -29.88
CA LEU F 76 4.07 14.38 -30.18
C LEU F 76 2.59 14.06 -30.25
N ALA F 77 1.80 14.57 -29.30
CA ALA F 77 0.36 14.36 -29.33
C ALA F 77 -0.27 15.01 -30.55
N LYS F 78 0.16 16.21 -30.90
CA LYS F 78 -0.38 16.86 -32.09
C LYS F 78 -0.15 16.03 -33.33
N HIS F 79 1.08 15.56 -33.53
CA HIS F 79 1.37 14.75 -34.71
C HIS F 79 0.62 13.43 -34.68
N ALA F 80 0.51 12.83 -33.50
CA ALA F 80 -0.19 11.55 -33.40
C ALA F 80 -1.65 11.68 -33.78
N VAL F 81 -2.32 12.71 -33.26
CA VAL F 81 -3.74 12.88 -33.61
C VAL F 81 -3.88 13.26 -35.07
N SER F 82 -2.90 13.98 -35.62
CA SER F 82 -2.95 14.29 -37.05
C SER F 82 -2.91 13.00 -37.88
N GLU F 83 -1.97 12.10 -37.57
CA GLU F 83 -1.89 10.85 -38.32
C GLU F 83 -3.14 10.01 -38.11
N GLY F 84 -3.68 9.99 -36.88
CA GLY F 84 -4.88 9.21 -36.63
C GLY F 84 -6.06 9.71 -37.45
N THR F 85 -6.26 11.03 -37.47
CA THR F 85 -7.36 11.59 -38.26
C THR F 85 -7.16 11.32 -39.73
N LYS F 86 -5.94 11.47 -40.24
CA LYS F 86 -5.68 11.20 -41.65
C LYS F 86 -6.02 9.75 -41.99
N ALA F 87 -5.58 8.81 -41.14
CA ALA F 87 -5.82 7.40 -41.42
C ALA F 87 -7.30 7.06 -41.37
N VAL F 88 -8.02 7.58 -40.38
CA VAL F 88 -9.44 7.23 -40.27
C VAL F 88 -10.21 7.85 -41.43
N THR F 89 -9.83 9.06 -41.85
CA THR F 89 -10.47 9.67 -43.01
C THR F 89 -10.24 8.85 -44.26
N LYS F 90 -9.00 8.40 -44.49
CA LYS F 90 -8.72 7.58 -45.66
C LYS F 90 -9.50 6.28 -45.61
N TYR F 91 -9.58 5.66 -44.44
CA TYR F 91 -10.33 4.42 -44.30
C TYR F 91 -11.79 4.62 -44.62
N THR F 92 -12.40 5.67 -44.09
CA THR F 92 -13.81 5.92 -44.37
C THR F 92 -14.04 6.22 -45.85
N SER F 93 -13.13 6.96 -46.48
CA SER F 93 -13.27 7.23 -47.89
C SER F 93 -13.14 5.96 -48.73
N ALA F 94 -12.25 5.06 -48.37
CA ALA F 94 -12.07 3.82 -49.10
C ALA F 94 -13.31 2.94 -49.02
N LYS I 1 61.59 4.82 -11.89
CA LYS I 1 60.60 5.61 -11.16
C LYS I 1 59.19 5.12 -11.42
N PRO I 2 58.46 4.76 -10.36
CA PRO I 2 57.06 4.37 -10.54
C PRO I 2 56.22 5.56 -10.97
N HIS I 3 55.17 5.25 -11.74
CA HIS I 3 54.25 6.26 -12.26
C HIS I 3 52.89 6.07 -11.59
N ARG I 4 52.37 7.15 -11.01
CA ARG I 4 51.09 7.11 -10.33
C ARG I 4 50.24 8.28 -10.80
N TYR I 5 48.99 8.02 -11.12
CA TYR I 5 48.06 9.09 -11.48
C TYR I 5 47.60 9.82 -10.24
N ARG I 6 47.25 11.09 -10.41
CA ARG I 6 46.65 11.86 -9.34
C ARG I 6 45.31 11.24 -8.97
N PRO I 7 44.96 11.23 -7.68
CA PRO I 7 43.69 10.60 -7.27
C PRO I 7 42.48 11.30 -7.85
N GLY I 8 41.78 10.61 -8.75
CA GLY I 8 40.60 11.18 -9.39
C GLY I 8 40.62 11.01 -10.89
N THR I 9 41.80 11.00 -11.49
CA THR I 9 41.90 10.90 -12.95
C THR I 9 41.41 9.55 -13.44
N VAL I 10 41.91 8.47 -12.85
CA VAL I 10 41.45 7.15 -13.27
C VAL I 10 39.99 6.95 -12.87
N ALA I 11 39.55 7.63 -11.80
CA ALA I 11 38.13 7.58 -11.45
C ALA I 11 37.28 8.17 -12.56
N LEU I 12 37.67 9.33 -13.09
CA LEU I 12 36.94 9.91 -14.20
C LEU I 12 37.03 9.02 -15.43
N ARG I 13 38.19 8.43 -15.68
CA ARG I 13 38.34 7.55 -16.82
C ARG I 13 37.40 6.36 -16.74
N GLU I 14 37.28 5.75 -15.56
CA GLU I 14 36.39 4.60 -15.43
C GLU I 14 34.92 5.00 -15.37
N ILE I 15 34.59 6.21 -14.91
CA ILE I 15 33.23 6.70 -15.11
C ILE I 15 32.90 6.79 -16.58
N ARG I 16 33.82 7.33 -17.37
CA ARG I 16 33.61 7.38 -18.82
C ARG I 16 33.49 5.99 -19.41
N ARG I 17 34.28 5.05 -18.91
CA ARG I 17 34.25 3.69 -19.45
C ARG I 17 32.93 3.00 -19.15
N TYR I 18 32.45 3.09 -17.90
CA TYR I 18 31.22 2.40 -17.52
C TYR I 18 29.96 3.14 -17.91
N GLN I 19 30.04 4.41 -18.27
CA GLN I 19 28.88 5.10 -18.81
C GLN I 19 28.74 4.91 -20.31
N LYS I 20 29.67 4.20 -20.94
CA LYS I 20 29.61 3.91 -22.36
C LYS I 20 29.22 2.47 -22.65
N SER I 21 29.55 1.55 -21.75
CA SER I 21 29.25 0.14 -21.94
C SER I 21 27.92 -0.22 -21.28
N THR I 22 27.44 -1.43 -21.54
CA THR I 22 26.12 -1.84 -21.08
C THR I 22 26.09 -3.21 -20.42
N GLU I 23 27.24 -3.82 -20.13
CA GLU I 23 27.22 -5.14 -19.54
C GLU I 23 26.74 -5.06 -18.09
N LEU I 24 26.41 -6.22 -17.53
CA LEU I 24 25.97 -6.28 -16.15
C LEU I 24 27.18 -6.13 -15.24
N LEU I 25 27.01 -5.37 -14.16
CA LEU I 25 28.13 -5.05 -13.29
C LEU I 25 28.23 -5.95 -12.07
N ILE I 26 27.16 -6.62 -11.70
CA ILE I 26 27.16 -7.55 -10.57
C ILE I 26 27.45 -8.94 -11.10
N ARG I 27 28.22 -9.72 -10.35
CA ARG I 27 28.57 -11.07 -10.78
C ARG I 27 27.33 -11.97 -10.73
N LYS I 28 27.10 -12.67 -11.83
CA LYS I 28 25.83 -13.34 -12.04
C LYS I 28 25.59 -14.45 -11.03
N LEU I 29 26.59 -15.28 -10.79
CA LEU I 29 26.37 -16.42 -9.89
C LEU I 29 26.10 -16.00 -8.46
N PRO I 30 26.87 -15.10 -7.84
CA PRO I 30 26.48 -14.63 -6.51
C PRO I 30 25.16 -13.91 -6.50
N PHE I 31 24.82 -13.16 -7.56
CA PHE I 31 23.50 -12.53 -7.57
C PHE I 31 22.40 -13.57 -7.55
N GLN I 32 22.57 -14.64 -8.32
CA GLN I 32 21.58 -15.72 -8.33
C GLN I 32 21.48 -16.38 -6.97
N ARG I 33 22.61 -16.61 -6.31
CA ARG I 33 22.57 -17.18 -4.97
C ARG I 33 21.81 -16.29 -4.02
N LEU I 34 22.04 -14.97 -4.10
CA LEU I 34 21.32 -14.04 -3.24
C LEU I 34 19.82 -14.08 -3.51
N VAL I 35 19.45 -14.14 -4.78
CA VAL I 35 18.03 -14.18 -5.13
C VAL I 35 17.37 -15.42 -4.54
N ARG I 36 18.03 -16.57 -4.69
CA ARG I 36 17.47 -17.81 -4.14
C ARG I 36 17.37 -17.73 -2.62
N GLU I 37 18.38 -17.17 -1.96
CA GLU I 37 18.32 -17.03 -0.51
C GLU I 37 17.14 -16.17 -0.09
N ILE I 38 16.94 -15.03 -0.76
CA ILE I 38 15.82 -14.17 -0.40
C ILE I 38 14.49 -14.87 -0.65
N ALA I 39 14.37 -15.55 -1.79
CA ALA I 39 13.12 -16.24 -2.09
C ALA I 39 12.87 -17.41 -1.15
N GLN I 40 13.89 -17.90 -0.47
CA GLN I 40 13.71 -19.02 0.45
C GLN I 40 12.72 -18.69 1.57
N ASP I 41 12.52 -17.41 1.88
CA ASP I 41 11.69 -17.02 3.00
C ASP I 41 10.20 -17.03 2.70
N PHE I 42 9.81 -17.15 1.42
CA PHE I 42 8.41 -17.11 1.03
C PHE I 42 7.86 -18.46 0.61
N LYS I 43 8.64 -19.25 -0.11
CA LYS I 43 8.21 -20.57 -0.54
C LYS I 43 9.44 -21.45 -0.69
N THR I 44 9.45 -22.56 0.04
CA THR I 44 10.60 -23.45 0.00
C THR I 44 10.61 -24.24 -1.31
N ASP I 45 11.82 -24.65 -1.71
CA ASP I 45 12.02 -25.48 -2.89
C ASP I 45 11.44 -24.83 -4.16
N LEU I 46 11.67 -23.54 -4.32
CA LEU I 46 11.26 -22.87 -5.55
C LEU I 46 12.28 -23.09 -6.64
N ARG I 47 11.81 -23.06 -7.89
CA ARG I 47 12.67 -23.13 -9.06
C ARG I 47 12.57 -21.82 -9.82
N PHE I 48 13.70 -21.40 -10.39
CA PHE I 48 13.80 -20.12 -11.06
C PHE I 48 14.22 -20.32 -12.51
N GLN I 49 13.61 -19.55 -13.41
CA GLN I 49 14.08 -19.51 -14.78
C GLN I 49 15.30 -18.60 -14.88
N SER I 50 16.26 -19.01 -15.70
CA SER I 50 17.44 -18.19 -15.92
C SER I 50 17.06 -16.82 -16.43
N SER I 51 16.05 -16.76 -17.30
CA SER I 51 15.57 -15.46 -17.79
C SER I 51 14.99 -14.64 -16.64
N ALA I 52 14.30 -15.29 -15.71
CA ALA I 52 13.77 -14.57 -14.55
C ALA I 52 14.89 -13.96 -13.72
N VAL I 53 15.95 -14.73 -13.48
CA VAL I 53 17.08 -14.21 -12.72
C VAL I 53 17.73 -13.05 -13.45
N MET I 54 17.87 -13.17 -14.77
CA MET I 54 18.45 -12.07 -15.55
C MET I 54 17.59 -10.83 -15.47
N ALA I 55 16.26 -10.99 -15.52
CA ALA I 55 15.37 -9.85 -15.40
C ALA I 55 15.52 -9.18 -14.06
N LEU I 56 15.60 -9.97 -12.99
CA LEU I 56 15.83 -9.39 -11.68
C LEU I 56 17.11 -8.60 -11.65
N GLN I 57 18.20 -9.17 -12.17
CA GLN I 57 19.49 -8.50 -12.11
C GLN I 57 19.45 -7.19 -12.89
N GLU I 58 18.84 -7.20 -14.07
CA GLU I 58 18.74 -5.99 -14.86
C GLU I 58 17.97 -4.91 -14.11
N ALA I 59 16.84 -5.28 -13.51
CA ALA I 59 16.05 -4.30 -12.78
C ALA I 59 16.82 -3.72 -11.60
N CYS I 60 17.53 -4.57 -10.85
CA CYS I 60 18.27 -4.08 -9.70
C CYS I 60 19.39 -3.15 -10.11
N GLU I 61 20.13 -3.48 -11.16
CA GLU I 61 21.20 -2.60 -11.57
C GLU I 61 20.65 -1.25 -12.04
N ALA I 62 19.55 -1.26 -12.79
CA ALA I 62 18.96 0.01 -13.19
C ALA I 62 18.54 0.83 -11.99
N TYR I 63 17.90 0.18 -11.01
CA TYR I 63 17.44 0.88 -9.82
C TYR I 63 18.61 1.48 -9.05
N LEU I 64 19.68 0.71 -8.87
CA LEU I 64 20.82 1.20 -8.11
C LEU I 64 21.53 2.32 -8.84
N VAL I 65 21.63 2.25 -10.16
CA VAL I 65 22.25 3.34 -10.91
C VAL I 65 21.44 4.62 -10.75
N GLY I 66 20.11 4.54 -10.86
CA GLY I 66 19.31 5.72 -10.63
C GLY I 66 19.46 6.27 -9.23
N LEU I 67 19.48 5.38 -8.24
CA LEU I 67 19.66 5.81 -6.86
C LEU I 67 20.99 6.51 -6.68
N PHE I 68 22.03 6.02 -7.35
CA PHE I 68 23.34 6.65 -7.22
C PHE I 68 23.40 8.01 -7.90
N GLU I 69 22.69 8.17 -9.03
CA GLU I 69 22.60 9.52 -9.60
C GLU I 69 21.93 10.48 -8.63
N ASP I 70 20.84 10.04 -8.00
CA ASP I 70 20.19 10.90 -7.02
C ASP I 70 21.11 11.21 -5.85
N THR I 71 21.85 10.20 -5.38
CA THR I 71 22.79 10.39 -4.28
C THR I 71 23.88 11.38 -4.65
N ASN I 72 24.39 11.29 -5.88
CA ASN I 72 25.41 12.23 -6.32
C ASN I 72 24.86 13.65 -6.36
N LEU I 73 23.63 13.82 -6.83
CA LEU I 73 23.04 15.15 -6.80
C LEU I 73 22.94 15.68 -5.37
N CYS I 74 22.52 14.83 -4.44
CA CYS I 74 22.43 15.27 -3.05
C CYS I 74 23.80 15.66 -2.50
N ALA I 75 24.82 14.86 -2.78
CA ALA I 75 26.16 15.16 -2.28
C ALA I 75 26.67 16.47 -2.84
N ILE I 76 26.47 16.69 -4.14
CA ILE I 76 26.90 17.95 -4.74
C ILE I 76 26.14 19.11 -4.11
N HIS I 77 24.85 18.90 -3.81
CA HIS I 77 24.08 19.93 -3.14
C HIS I 77 24.64 20.25 -1.77
N ALA I 78 25.19 19.25 -1.09
CA ALA I 78 25.82 19.49 0.21
C ALA I 78 27.21 20.12 0.09
N LYS I 79 27.59 20.58 -1.11
CA LYS I 79 28.88 21.21 -1.36
C LYS I 79 30.04 20.29 -1.00
N ARG I 80 29.97 19.05 -1.49
CA ARG I 80 31.06 18.11 -1.36
C ARG I 80 30.93 17.08 -2.48
N VAL I 81 32.01 16.35 -2.70
CA VAL I 81 32.07 15.40 -3.82
C VAL I 81 32.03 13.95 -3.38
N THR I 82 32.02 13.67 -2.09
CA THR I 82 32.01 12.30 -1.58
C THR I 82 30.61 11.95 -1.10
N ILE I 83 30.09 10.83 -1.59
CA ILE I 83 28.75 10.40 -1.20
C ILE I 83 28.84 9.63 0.11
N MET I 84 27.94 9.95 1.03
CA MET I 84 27.87 9.32 2.34
C MET I 84 26.44 8.85 2.58
N PRO I 85 26.25 7.90 3.49
CA PRO I 85 24.92 7.31 3.66
C PRO I 85 23.81 8.30 3.93
N LYS I 86 24.11 9.47 4.51
CA LYS I 86 23.07 10.47 4.68
C LYS I 86 22.51 10.92 3.34
N ASP I 87 23.34 10.94 2.30
CA ASP I 87 22.86 11.32 0.98
C ASP I 87 21.91 10.26 0.42
N ILE I 88 22.24 8.98 0.57
CA ILE I 88 21.35 7.93 0.11
C ILE I 88 20.04 8.00 0.87
N GLN I 89 20.10 8.22 2.18
CA GLN I 89 18.88 8.30 2.97
C GLN I 89 18.02 9.48 2.54
N LEU I 90 18.66 10.63 2.26
CA LEU I 90 17.89 11.78 1.79
C LEU I 90 17.23 11.48 0.45
N ALA I 91 17.97 10.87 -0.48
CA ALA I 91 17.38 10.56 -1.78
C ALA I 91 16.20 9.62 -1.64
N ARG I 92 16.35 8.56 -0.85
CA ARG I 92 15.26 7.61 -0.69
C ARG I 92 14.07 8.23 0.03
N ARG I 93 14.32 9.11 1.00
CA ARG I 93 13.22 9.76 1.68
C ARG I 93 12.46 10.70 0.76
N ILE I 94 13.17 11.44 -0.08
CA ILE I 94 12.49 12.36 -0.99
C ILE I 94 11.71 11.58 -2.04
N ARG I 95 12.28 10.49 -2.56
CA ARG I 95 11.55 9.70 -3.54
C ARG I 95 10.36 8.99 -2.94
N GLY I 96 10.24 8.94 -1.63
CA GLY I 96 9.12 8.33 -0.97
C GLY I 96 9.27 6.87 -0.65
N GLU I 97 10.50 6.36 -0.56
CA GLU I 97 10.74 4.95 -0.29
C GLU I 97 10.97 4.64 1.17
N ARG I 98 10.94 5.64 2.04
CA ARG I 98 11.25 5.45 3.45
C ARG I 98 10.43 6.38 4.33
N LEU J 1 22.34 -22.03 1.67
CA LEU J 1 22.34 -20.68 1.13
C LEU J 1 22.11 -19.65 2.23
N ARG J 2 23.13 -19.40 3.05
CA ARG J 2 23.03 -18.41 4.11
C ARG J 2 24.15 -17.41 3.92
N ASP J 3 23.85 -16.14 4.23
CA ASP J 3 24.82 -15.05 4.19
C ASP J 3 25.44 -14.93 2.80
N ASN J 4 24.58 -14.71 1.80
CA ASN J 4 25.03 -14.48 0.44
C ASN J 4 25.00 -13.02 0.05
N ILE J 5 24.56 -12.14 0.95
CA ILE J 5 24.52 -10.72 0.63
C ILE J 5 25.92 -10.17 0.40
N GLN J 6 26.94 -10.81 0.96
CA GLN J 6 28.31 -10.37 0.77
C GLN J 6 28.81 -10.64 -0.64
N GLY J 7 28.06 -11.39 -1.45
CA GLY J 7 28.44 -11.56 -2.83
C GLY J 7 28.37 -10.28 -3.63
N ILE J 8 27.61 -9.30 -3.17
CA ILE J 8 27.57 -7.99 -3.81
C ILE J 8 28.80 -7.23 -3.34
N THR J 9 29.89 -7.38 -4.06
CA THR J 9 31.20 -6.99 -3.55
C THR J 9 31.42 -5.49 -3.65
N LYS J 10 32.39 -5.03 -2.88
CA LYS J 10 32.78 -3.63 -2.90
C LYS J 10 33.16 -3.15 -4.30
N PRO J 11 33.99 -3.85 -5.07
CA PRO J 11 34.27 -3.36 -6.43
C PRO J 11 33.04 -3.31 -7.31
N ALA J 12 32.10 -4.24 -7.16
CA ALA J 12 30.87 -4.19 -7.95
C ALA J 12 30.06 -2.95 -7.59
N ILE J 13 29.95 -2.65 -6.30
CA ILE J 13 29.23 -1.44 -5.90
C ILE J 13 29.92 -0.20 -6.44
N ARG J 14 31.26 -0.19 -6.43
CA ARG J 14 31.96 0.96 -6.99
C ARG J 14 31.70 1.09 -8.48
N ARG J 15 31.65 -0.03 -9.20
CA ARG J 15 31.35 0.05 -10.63
C ARG J 15 29.96 0.61 -10.87
N LEU J 16 28.98 0.18 -10.06
CA LEU J 16 27.65 0.75 -10.16
C LEU J 16 27.67 2.25 -9.91
N ALA J 17 28.41 2.68 -8.89
CA ALA J 17 28.50 4.10 -8.60
C ALA J 17 29.14 4.87 -9.74
N ARG J 18 30.18 4.30 -10.36
CA ARG J 18 30.82 4.96 -11.49
C ARG J 18 29.84 5.11 -12.64
N ARG J 19 29.07 4.07 -12.92
CA ARG J 19 28.05 4.21 -13.95
C ARG J 19 27.03 5.27 -13.56
N GLY J 20 26.83 5.48 -12.26
CA GLY J 20 26.01 6.56 -11.79
C GLY J 20 26.67 7.91 -11.76
N GLY J 21 27.95 7.99 -12.15
CA GLY J 21 28.63 9.27 -12.18
C GLY J 21 29.19 9.73 -10.85
N VAL J 22 29.53 8.81 -9.97
CA VAL J 22 30.04 9.15 -8.64
C VAL J 22 31.56 9.15 -8.68
N LYS J 23 32.16 10.23 -8.16
CA LYS J 23 33.61 10.36 -8.22
C LYS J 23 34.28 9.71 -7.02
N ARG J 24 33.89 10.10 -5.81
CA ARG J 24 34.50 9.58 -4.59
C ARG J 24 33.42 8.94 -3.73
N ILE J 25 33.75 7.80 -3.13
CA ILE J 25 32.79 6.99 -2.40
C ILE J 25 33.28 6.82 -0.97
N SER J 26 32.41 7.13 -0.01
CA SER J 26 32.76 6.92 1.39
C SER J 26 32.80 5.44 1.70
N GLY J 27 33.53 5.10 2.76
CA GLY J 27 33.69 3.70 3.13
C GLY J 27 32.44 3.07 3.69
N LEU J 28 31.50 3.87 4.18
CA LEU J 28 30.30 3.35 4.80
C LEU J 28 29.18 3.08 3.80
N ILE J 29 29.35 3.46 2.53
CA ILE J 29 28.30 3.30 1.55
C ILE J 29 27.87 1.85 1.35
N TYR J 30 28.80 0.91 1.49
CA TYR J 30 28.57 -0.45 1.05
C TYR J 30 27.47 -1.12 1.87
N GLU J 31 27.43 -0.86 3.17
CA GLU J 31 26.45 -1.54 4.01
C GLU J 31 25.02 -1.12 3.67
N GLU J 32 24.76 0.18 3.55
CA GLU J 32 23.39 0.54 3.21
C GLU J 32 23.09 0.27 1.75
N THR J 33 24.11 0.17 0.89
CA THR J 33 23.83 -0.30 -0.46
C THR J 33 23.34 -1.75 -0.43
N ARG J 34 23.99 -2.58 0.37
CA ARG J 34 23.50 -3.94 0.59
C ARG J 34 22.07 -3.91 1.11
N GLY J 35 21.80 -3.06 2.09
CA GLY J 35 20.47 -3.01 2.68
C GLY J 35 19.40 -2.58 1.69
N VAL J 36 19.69 -1.54 0.90
CA VAL J 36 18.75 -1.06 -0.09
C VAL J 36 18.48 -2.13 -1.14
N LEU J 37 19.54 -2.79 -1.62
CA LEU J 37 19.34 -3.85 -2.60
C LEU J 37 18.51 -4.98 -2.01
N LYS J 38 18.76 -5.34 -0.76
CA LYS J 38 17.99 -6.39 -0.12
C LYS J 38 16.52 -6.01 -0.02
N VAL J 39 16.24 -4.76 0.36
CA VAL J 39 14.85 -4.33 0.47
C VAL J 39 14.17 -4.39 -0.89
N PHE J 40 14.85 -3.91 -1.93
CA PHE J 40 14.28 -3.93 -3.26
C PHE J 40 13.98 -5.35 -3.73
N LEU J 41 14.93 -6.27 -3.51
CA LEU J 41 14.71 -7.65 -3.89
C LEU J 41 13.57 -8.30 -3.12
N GLU J 42 13.49 -8.06 -1.81
CA GLU J 42 12.35 -8.62 -1.09
C GLU J 42 11.04 -8.09 -1.63
N ASN J 43 10.97 -6.79 -1.92
CA ASN J 43 9.73 -6.23 -2.43
C ASN J 43 9.34 -6.85 -3.76
N VAL J 44 10.31 -7.02 -4.67
CA VAL J 44 9.98 -7.58 -5.98
C VAL J 44 9.66 -9.07 -5.89
N ILE J 45 10.49 -9.82 -5.16
CA ILE J 45 10.35 -11.27 -5.11
C ILE J 45 9.09 -11.68 -4.38
N ARG J 46 8.64 -10.91 -3.39
CA ARG J 46 7.39 -11.25 -2.74
C ARG J 46 6.25 -11.26 -3.74
N ASP J 47 6.14 -10.22 -4.56
CA ASP J 47 5.09 -10.17 -5.56
C ASP J 47 5.26 -11.23 -6.62
N ALA J 48 6.51 -11.48 -7.04
CA ALA J 48 6.74 -12.51 -8.05
C ALA J 48 6.30 -13.87 -7.56
N VAL J 49 6.66 -14.21 -6.32
CA VAL J 49 6.27 -15.50 -5.76
C VAL J 49 4.76 -15.55 -5.55
N THR J 50 4.14 -14.42 -5.21
CA THR J 50 2.69 -14.39 -5.11
C THR J 50 2.05 -14.75 -6.45
N TYR J 51 2.54 -14.14 -7.53
CA TYR J 51 2.02 -14.47 -8.86
C TYR J 51 2.22 -15.94 -9.17
N THR J 52 3.42 -16.45 -8.87
CA THR J 52 3.73 -17.84 -9.19
C THR J 52 2.82 -18.80 -8.44
N GLU J 53 2.70 -18.63 -7.13
CA GLU J 53 1.87 -19.55 -6.35
C GLU J 53 0.40 -19.38 -6.65
N HIS J 54 -0.03 -18.21 -7.14
CA HIS J 54 -1.40 -18.11 -7.63
C HIS J 54 -1.57 -18.88 -8.93
N ALA J 55 -0.54 -18.94 -9.75
CA ALA J 55 -0.60 -19.72 -10.98
C ALA J 55 -0.52 -21.22 -10.73
N LYS J 56 -0.26 -21.63 -9.49
CA LYS J 56 -0.19 -23.04 -9.11
C LYS J 56 0.94 -23.76 -9.84
N ARG J 57 2.13 -23.17 -9.78
CA ARG J 57 3.33 -23.82 -10.29
C ARG J 57 4.48 -23.53 -9.36
N LYS J 58 5.50 -24.38 -9.43
CA LYS J 58 6.66 -24.28 -8.56
C LYS J 58 7.81 -23.51 -9.18
N THR J 59 7.66 -22.99 -10.39
CA THR J 59 8.72 -22.31 -11.10
C THR J 59 8.38 -20.84 -11.27
N VAL J 60 9.29 -19.97 -10.85
CA VAL J 60 9.12 -18.54 -11.04
C VAL J 60 9.57 -18.18 -12.45
N THR J 61 8.75 -17.42 -13.16
CA THR J 61 9.05 -17.12 -14.55
C THR J 61 9.41 -15.66 -14.73
N ALA J 62 10.19 -15.40 -15.78
CA ALA J 62 10.52 -14.02 -16.13
C ALA J 62 9.26 -13.21 -16.36
N MET J 63 8.20 -13.85 -16.83
CA MET J 63 6.94 -13.15 -16.99
C MET J 63 6.40 -12.68 -15.65
N ASP J 64 6.47 -13.53 -14.62
CA ASP J 64 6.05 -13.12 -13.29
C ASP J 64 6.91 -11.98 -12.77
N VAL J 65 8.21 -12.04 -13.03
CA VAL J 65 9.09 -10.96 -12.57
C VAL J 65 8.71 -9.66 -13.25
N VAL J 66 8.43 -9.70 -14.55
CA VAL J 66 8.04 -8.50 -15.27
C VAL J 66 6.73 -7.95 -14.71
N TYR J 67 5.79 -8.83 -14.40
CA TYR J 67 4.52 -8.40 -13.83
C TYR J 67 4.73 -7.72 -12.49
N ALA J 68 5.57 -8.31 -11.64
CA ALA J 68 5.85 -7.72 -10.34
C ALA J 68 6.51 -6.36 -10.48
N LEU J 69 7.45 -6.23 -11.41
CA LEU J 69 8.08 -4.93 -11.63
C LEU J 69 7.08 -3.91 -12.12
N LYS J 70 6.20 -4.30 -13.04
CA LYS J 70 5.20 -3.38 -13.55
C LYS J 70 4.24 -2.95 -12.46
N ARG J 71 3.97 -3.84 -11.50
CA ARG J 71 3.10 -3.49 -10.39
C ARG J 71 3.71 -2.44 -9.48
N GLN J 72 5.02 -2.22 -9.56
CA GLN J 72 5.71 -1.20 -8.78
C GLN J 72 6.00 0.06 -9.57
N GLY J 73 5.44 0.19 -10.76
CA GLY J 73 5.66 1.39 -11.56
C GLY J 73 7.03 1.50 -12.16
N ARG J 74 7.70 0.38 -12.42
CA ARG J 74 9.02 0.37 -13.05
C ARG J 74 9.09 -0.70 -14.12
N THR J 75 8.15 -0.63 -15.06
CA THR J 75 8.06 -1.58 -16.18
C THR J 75 9.42 -1.81 -16.82
N LEU J 76 9.65 -3.05 -17.23
CA LEU J 76 10.92 -3.47 -17.81
C LEU J 76 10.69 -4.04 -19.20
N TYR J 77 11.44 -3.56 -20.18
CA TYR J 77 11.32 -3.99 -21.55
C TYR J 77 12.37 -5.05 -21.88
N GLY J 78 12.06 -5.89 -22.85
CA GLY J 78 13.01 -6.87 -23.34
C GLY J 78 12.87 -8.26 -22.78
N PHE J 79 11.79 -8.56 -22.05
CA PHE J 79 11.58 -9.89 -21.50
C PHE J 79 10.19 -10.43 -21.78
N GLY J 80 9.46 -9.82 -22.70
CA GLY J 80 8.12 -10.27 -23.01
C GLY J 80 7.05 -9.52 -22.22
N GLU K 1 12.99 -8.06 50.65
CA GLU K 1 13.03 -6.86 49.84
C GLU K 1 11.79 -6.73 48.97
N TYR K 2 11.14 -7.88 48.71
CA TYR K 2 9.96 -7.88 47.87
C TYR K 2 8.83 -7.08 48.51
N LYS K 3 8.62 -7.27 49.81
CA LYS K 3 7.60 -6.51 50.52
C LYS K 3 7.92 -5.02 50.52
N ALA K 4 9.20 -4.68 50.71
CA ALA K 4 9.59 -3.27 50.69
C ALA K 4 9.32 -2.64 49.33
N ARG K 5 9.64 -3.36 48.25
CA ARG K 5 9.41 -2.82 46.92
C ARG K 5 7.92 -2.76 46.59
N LEU K 6 7.12 -3.65 47.19
CA LEU K 6 5.69 -3.70 46.98
C LEU K 6 4.91 -2.74 47.89
N THR K 7 5.59 -2.15 48.88
CA THR K 7 4.96 -1.26 49.84
C THR K 7 5.12 0.19 49.41
N CYS K 8 4.17 1.03 49.74
CA CYS K 8 4.22 2.45 49.37
C CYS K 8 5.34 3.18 50.12
N PRO K 9 5.98 4.15 49.46
CA PRO K 9 7.05 4.89 50.11
C PRO K 9 6.56 6.01 51.03
N CYS K 10 5.26 6.29 51.00
CA CYS K 10 4.70 7.33 51.85
C CYS K 10 4.58 6.88 53.32
N CYS K 11 3.98 5.72 53.53
CA CYS K 11 3.81 5.16 54.87
C CYS K 11 4.65 3.93 55.13
N ASN K 12 5.09 3.22 54.10
CA ASN K 12 5.94 2.04 54.25
C ASN K 12 5.25 0.95 55.06
N THR K 13 3.92 0.94 55.01
CA THR K 13 3.14 -0.08 55.71
C THR K 13 2.18 -0.80 54.79
N ARG K 14 1.74 -0.12 53.73
CA ARG K 14 0.63 -0.62 52.94
C ARG K 14 1.04 -0.82 51.47
N LYS K 15 0.35 -1.76 50.83
CA LYS K 15 0.64 -2.12 49.44
C LYS K 15 0.40 -1.04 48.41
N LYS K 16 1.32 -0.93 47.46
CA LYS K 16 1.20 0.03 46.38
C LYS K 16 0.15 -0.43 45.38
N ASP K 17 -0.96 0.30 45.31
CA ASP K 17 -2.05 -0.15 44.43
C ASP K 17 -2.74 0.98 43.67
N ALA K 18 -2.05 2.09 43.43
CA ALA K 18 -2.64 3.18 42.68
C ALA K 18 -1.53 4.05 42.11
N VAL K 19 -1.81 4.70 40.98
CA VAL K 19 -0.83 5.53 40.29
C VAL K 19 -1.45 6.89 40.01
N LEU K 20 -0.59 7.90 39.87
CA LEU K 20 -1.02 9.26 39.56
C LEU K 20 -0.86 9.48 38.06
N THR K 21 -1.95 9.87 37.40
CA THR K 21 -2.08 9.72 35.96
C THR K 21 -1.10 10.56 35.14
N LYS K 22 -0.71 11.76 35.60
CA LYS K 22 0.17 12.55 34.75
C LYS K 22 1.64 12.34 35.09
N CYS K 23 1.96 12.01 36.34
CA CYS K 23 3.35 11.85 36.74
C CYS K 23 3.75 10.39 36.90
N PHE K 24 2.80 9.48 37.04
CA PHE K 24 3.03 8.04 37.04
C PHE K 24 3.96 7.59 38.17
N HIS K 25 3.68 8.03 39.38
CA HIS K 25 4.22 7.39 40.56
C HIS K 25 3.13 6.55 41.22
N VAL K 26 3.54 5.43 41.81
CA VAL K 26 2.60 4.47 42.37
C VAL K 26 2.59 4.61 43.89
N PHE K 27 1.40 4.79 44.45
CA PHE K 27 1.26 4.93 45.90
C PHE K 27 0.05 4.13 46.37
N CYS K 28 -0.32 4.35 47.62
CA CYS K 28 -1.46 3.67 48.24
C CYS K 28 -2.77 4.35 47.85
N PHE K 29 -3.86 3.81 48.39
CA PHE K 29 -5.15 4.49 48.27
C PHE K 29 -5.28 5.62 49.29
N GLU K 30 -5.42 5.29 50.57
CA GLU K 30 -5.85 6.30 51.52
C GLU K 30 -4.79 7.37 51.70
N CYS K 31 -3.56 7.06 51.34
CA CYS K 31 -2.48 8.02 51.39
C CYS K 31 -2.72 9.17 50.40
N VAL K 32 -3.13 8.85 49.16
CA VAL K 32 -3.39 9.87 48.16
C VAL K 32 -4.75 10.51 48.37
N ARG K 33 -5.76 9.75 48.81
CA ARG K 33 -7.05 10.40 49.06
C ARG K 33 -6.97 11.34 50.26
N GLY K 34 -6.18 11.01 51.27
CA GLY K 34 -5.99 11.93 52.37
C GLY K 34 -5.27 13.19 51.94
N ARG K 35 -4.24 13.04 51.11
CA ARG K 35 -3.55 14.21 50.57
C ARG K 35 -4.50 15.08 49.76
N TYR K 36 -5.37 14.46 48.95
CA TYR K 36 -6.27 15.22 48.11
C TYR K 36 -7.37 15.89 48.94
N GLU K 37 -7.92 15.17 49.91
CA GLU K 37 -8.94 15.75 50.78
C GLU K 37 -8.37 16.84 51.66
N ALA K 38 -7.07 16.78 51.95
CA ALA K 38 -6.37 17.86 52.63
C ALA K 38 -5.90 18.92 51.66
N ARG K 39 -6.37 18.85 50.42
CA ARG K 39 -6.05 19.83 49.37
C ARG K 39 -4.60 19.87 48.88
N GLN K 40 -3.76 18.95 49.36
CA GLN K 40 -2.37 18.94 48.93
C GLN K 40 -2.22 18.03 47.69
N ARG K 41 -2.47 18.64 46.53
CA ARG K 41 -2.31 17.94 45.26
C ARG K 41 -0.82 18.16 45.17
N LYS K 42 -0.07 17.18 45.63
CA LYS K 42 1.38 17.36 45.71
C LYS K 42 2.04 16.00 45.83
N CYS K 43 2.93 15.71 44.88
CA CYS K 43 3.67 14.46 44.92
C CYS K 43 4.77 14.52 45.96
N PRO K 44 4.91 13.50 46.81
CA PRO K 44 6.12 13.40 47.63
C PRO K 44 7.35 13.08 46.80
N LYS K 45 7.17 12.60 45.57
CA LYS K 45 8.30 12.22 44.74
C LYS K 45 8.69 13.34 43.78
N CYS K 46 7.76 13.76 42.91
CA CYS K 46 8.07 14.74 41.88
C CYS K 46 7.26 16.03 42.01
N ASN K 47 6.53 16.22 43.10
CA ASN K 47 5.90 17.47 43.49
C ASN K 47 4.80 17.92 42.52
N ALA K 48 4.29 17.02 41.68
CA ALA K 48 3.40 17.44 40.60
C ALA K 48 2.00 17.75 41.12
N ALA K 49 1.32 18.66 40.44
CA ALA K 49 -0.06 19.01 40.79
C ALA K 49 -1.04 18.06 40.11
N PHE K 50 -2.20 17.90 40.74
CA PHE K 50 -3.20 16.93 40.30
C PHE K 50 -4.60 17.39 40.65
N GLY K 51 -5.58 16.74 40.02
CA GLY K 51 -6.98 17.04 40.27
C GLY K 51 -7.79 15.82 40.64
N ALA K 52 -9.12 15.94 40.58
CA ALA K 52 -9.98 14.83 40.97
C ALA K 52 -9.95 13.70 39.96
N HIS K 53 -9.65 14.01 38.70
CA HIS K 53 -9.62 13.02 37.64
C HIS K 53 -8.23 12.50 37.36
N ASP K 54 -7.27 12.72 38.25
CA ASP K 54 -5.87 12.45 38.00
C ASP K 54 -5.37 11.23 38.77
N PHE K 55 -6.27 10.35 39.20
CA PHE K 55 -5.91 9.18 39.96
C PHE K 55 -7.02 8.15 39.80
N HIS K 56 -6.66 6.87 39.92
CA HIS K 56 -7.68 5.84 39.88
C HIS K 56 -7.12 4.57 40.51
N ARG K 57 -8.01 3.65 40.86
CA ARG K 57 -7.65 2.34 41.37
C ARG K 57 -6.83 1.55 40.35
N ILE K 58 -5.89 0.75 40.85
CA ILE K 58 -5.19 -0.26 40.07
C ILE K 58 -5.05 -1.52 40.91
N TYR K 59 -5.27 -2.66 40.26
CA TYR K 59 -5.16 -3.95 40.91
C TYR K 59 -3.96 -4.71 40.38
N ILE K 60 -3.32 -5.49 41.25
CA ILE K 60 -2.15 -6.27 40.87
C ILE K 60 -2.41 -7.09 39.62
N ASP L 1 5.86 -17.88 44.22
CA ASP L 1 4.63 -17.12 44.37
C ASP L 1 4.84 -15.66 43.97
N TYR L 2 5.86 -15.04 44.56
CA TYR L 2 6.12 -13.63 44.30
C TYR L 2 6.54 -13.41 42.84
N LYS L 3 7.35 -14.33 42.33
CA LYS L 3 7.82 -14.25 40.95
C LYS L 3 6.64 -14.20 40.00
N ALA L 4 5.73 -15.17 40.12
CA ALA L 4 4.55 -15.23 39.27
C ALA L 4 3.64 -14.04 39.53
N ARG L 5 3.59 -13.56 40.78
CA ARG L 5 2.78 -12.40 41.10
C ARG L 5 3.23 -11.17 40.35
N LEU L 6 4.53 -10.95 40.26
CA LEU L 6 5.08 -9.75 39.61
C LEU L 6 5.61 -10.01 38.20
N THR L 7 5.33 -11.17 37.62
CA THR L 7 5.66 -11.46 36.23
C THR L 7 4.41 -11.25 35.38
N CYS L 8 4.59 -10.78 34.14
CA CYS L 8 3.48 -10.49 33.24
C CYS L 8 2.63 -11.74 33.03
N PRO L 9 1.31 -11.66 33.26
CA PRO L 9 0.51 -12.89 33.30
C PRO L 9 0.22 -13.52 31.96
N CYS L 10 0.31 -12.76 30.87
CA CYS L 10 0.00 -13.33 29.56
C CYS L 10 1.19 -14.12 29.02
N CYS L 11 2.40 -13.60 29.21
CA CYS L 11 3.60 -14.28 28.77
C CYS L 11 4.26 -15.12 29.86
N ASN L 12 4.24 -14.66 31.11
CA ASN L 12 4.86 -15.35 32.23
C ASN L 12 6.35 -15.58 32.00
N MET L 13 6.98 -14.63 31.28
CA MET L 13 8.40 -14.77 31.00
C MET L 13 9.17 -13.61 31.59
N ARG L 14 8.58 -12.41 31.59
CA ARG L 14 9.25 -11.24 32.12
C ARG L 14 8.29 -10.31 32.87
N LYS L 15 8.84 -9.16 33.28
CA LYS L 15 8.32 -8.44 34.43
C LYS L 15 7.30 -7.38 34.01
N LYS L 16 6.32 -7.14 34.90
CA LYS L 16 5.28 -6.16 34.62
C LYS L 16 5.86 -4.75 34.61
N ASP L 17 5.72 -4.06 33.47
CA ASP L 17 6.17 -2.68 33.40
C ASP L 17 5.27 -1.79 32.55
N ALA L 18 3.98 -2.10 32.47
CA ALA L 18 3.10 -1.29 31.64
C ALA L 18 1.67 -1.41 32.14
N VAL L 19 0.89 -0.36 31.93
CA VAL L 19 -0.51 -0.31 32.34
C VAL L 19 -1.36 0.15 31.17
N LEU L 20 -2.54 -0.44 31.03
CA LEU L 20 -3.46 -0.07 29.97
C LEU L 20 -4.53 0.84 30.57
N THR L 21 -4.45 2.13 30.29
CA THR L 21 -5.21 3.14 31.03
C THR L 21 -6.71 3.06 30.81
N LYS L 22 -7.15 2.18 29.92
CA LYS L 22 -8.58 2.02 29.66
C LYS L 22 -9.13 1.09 30.74
N CYS L 23 -8.50 -0.06 30.91
CA CYS L 23 -8.89 -1.04 31.90
C CYS L 23 -8.01 -1.02 33.14
N PHE L 24 -6.90 -0.28 33.10
CA PHE L 24 -5.99 -0.16 34.24
C PHE L 24 -5.45 -1.50 34.69
N HIS L 25 -5.28 -2.42 33.74
CA HIS L 25 -4.57 -3.66 33.98
C HIS L 25 -3.09 -3.44 33.70
N VAL L 26 -2.25 -4.32 34.26
CA VAL L 26 -0.82 -4.18 34.17
C VAL L 26 -0.23 -5.39 33.46
N PHE L 27 0.51 -5.13 32.39
CA PHE L 27 1.21 -6.17 31.65
C PHE L 27 2.64 -5.69 31.42
N CYS L 28 3.44 -6.53 30.76
CA CYS L 28 4.76 -6.07 30.39
C CYS L 28 4.71 -5.34 29.05
N PHE L 29 5.66 -4.42 28.88
CA PHE L 29 5.53 -3.42 27.82
C PHE L 29 5.56 -4.03 26.43
N GLU L 30 6.41 -5.03 26.21
CA GLU L 30 6.59 -5.52 24.84
C GLU L 30 5.45 -6.43 24.41
N CYS L 31 4.83 -7.16 25.33
CA CYS L 31 3.55 -7.78 24.98
C CYS L 31 2.58 -6.74 24.42
N VAL L 32 2.49 -5.60 25.10
CA VAL L 32 1.56 -4.57 24.68
C VAL L 32 1.93 -4.03 23.30
N LYS L 33 3.21 -3.73 23.12
CA LYS L 33 3.71 -3.21 21.85
C LYS L 33 3.40 -4.17 20.71
N THR L 34 3.64 -5.46 20.96
CA THR L 34 3.38 -6.47 19.94
C THR L 34 1.89 -6.57 19.61
N ARG L 35 1.03 -6.61 20.62
CA ARG L 35 -0.40 -6.67 20.33
C ARG L 35 -0.87 -5.42 19.59
N TYR L 36 -0.22 -4.29 19.83
CA TYR L 36 -0.60 -3.09 19.10
C TYR L 36 -0.14 -3.13 17.65
N ASP L 37 1.16 -3.40 17.43
CA ASP L 37 1.69 -3.34 16.09
C ASP L 37 1.21 -4.50 15.23
N THR L 38 0.77 -5.59 15.86
CA THR L 38 0.08 -6.66 15.16
C THR L 38 -1.41 -6.42 15.09
N ARG L 39 -1.88 -5.27 15.59
CA ARG L 39 -3.23 -4.78 15.43
C ARG L 39 -4.28 -5.63 16.14
N GLN L 40 -3.94 -6.21 17.29
CA GLN L 40 -4.95 -6.74 18.20
C GLN L 40 -5.14 -5.75 19.35
N ARG L 41 -5.62 -4.57 18.98
CA ARG L 41 -5.72 -3.47 19.94
C ARG L 41 -6.83 -3.75 20.96
N LYS L 42 -6.61 -4.82 21.71
CA LYS L 42 -7.62 -5.35 22.61
C LYS L 42 -6.94 -5.83 23.88
N CYS L 43 -7.58 -5.58 25.02
CA CYS L 43 -6.99 -5.99 26.29
C CYS L 43 -6.95 -7.50 26.39
N PRO L 44 -5.79 -8.09 26.71
CA PRO L 44 -5.74 -9.53 26.93
C PRO L 44 -6.64 -9.99 28.07
N LYS L 45 -6.80 -9.17 29.11
CA LYS L 45 -7.53 -9.60 30.29
C LYS L 45 -9.01 -9.28 30.18
N CYS L 46 -9.35 -8.00 30.08
CA CYS L 46 -10.75 -7.60 30.12
C CYS L 46 -11.35 -7.32 28.74
N ASN L 47 -10.64 -7.63 27.67
CA ASN L 47 -11.12 -7.53 26.30
C ASN L 47 -11.51 -6.10 25.95
N ALA L 48 -10.86 -5.10 26.53
CA ALA L 48 -11.18 -3.73 26.21
C ALA L 48 -10.26 -3.22 25.10
N ALA L 49 -10.81 -2.37 24.25
CA ALA L 49 -10.01 -1.76 23.19
C ALA L 49 -9.18 -0.61 23.74
N PHE L 50 -8.09 -0.30 23.04
CA PHE L 50 -7.21 0.79 23.44
C PHE L 50 -6.48 1.31 22.22
N GLY L 51 -5.92 2.51 22.36
CA GLY L 51 -5.18 3.12 21.28
C GLY L 51 -3.71 3.28 21.59
N ALA L 52 -3.02 4.12 20.80
CA ALA L 52 -1.59 4.31 21.01
C ALA L 52 -1.32 5.09 22.29
N ASN L 53 -2.33 5.77 22.84
CA ASN L 53 -2.15 6.61 24.01
C ASN L 53 -2.77 6.02 25.27
N ASP L 54 -3.21 4.76 25.24
CA ASP L 54 -3.84 4.15 26.40
C ASP L 54 -2.90 3.23 27.17
N PHE L 55 -1.65 3.15 26.77
CA PHE L 55 -0.67 2.31 27.46
C PHE L 55 0.60 3.11 27.63
N HIS L 56 1.26 2.92 28.77
CA HIS L 56 2.49 3.66 29.04
C HIS L 56 3.39 2.84 29.95
N ARG L 57 4.67 3.19 29.92
CA ARG L 57 5.66 2.54 30.77
C ARG L 57 5.40 2.85 32.23
N ILE L 58 5.47 1.81 33.06
CA ILE L 58 5.38 1.96 34.50
C ILE L 58 6.55 1.20 35.13
N TYR L 59 6.92 1.63 36.33
CA TYR L 59 8.07 1.06 37.03
C TYR L 59 7.61 0.57 38.39
N ILE L 60 7.71 -0.74 38.61
CA ILE L 60 7.37 -1.33 39.89
C ILE L 60 8.62 -1.90 40.53
N MET M 1 12.81 -27.84 25.56
CA MET M 1 13.04 -26.69 26.43
C MET M 1 13.43 -25.44 25.66
N SER M 2 13.51 -25.50 24.33
CA SER M 2 14.16 -24.46 23.55
C SER M 2 13.32 -23.20 23.38
N THR M 3 12.00 -23.28 23.29
CA THR M 3 11.20 -22.14 22.89
C THR M 3 10.20 -21.78 23.98
N PRO M 4 9.84 -20.49 24.08
CA PRO M 4 8.81 -20.10 25.07
C PRO M 4 7.48 -20.80 24.86
N ALA M 5 7.08 -21.02 23.61
CA ALA M 5 5.85 -21.76 23.35
C ALA M 5 5.95 -23.18 23.88
N ARG M 6 7.10 -23.82 23.68
CA ARG M 6 7.29 -25.18 24.17
C ARG M 6 7.21 -25.20 25.70
N ARG M 7 7.83 -24.21 26.34
CA ARG M 7 7.80 -24.14 27.80
C ARG M 7 6.38 -23.89 28.31
N ARG M 8 5.63 -23.03 27.61
CA ARG M 8 4.24 -22.79 27.96
C ARG M 8 3.43 -24.08 27.85
N LEU M 9 3.69 -24.86 26.81
CA LEU M 9 3.04 -26.17 26.67
C LEU M 9 3.46 -27.11 27.79
N MET M 10 4.70 -26.99 28.27
CA MET M 10 5.15 -27.81 29.38
C MET M 10 4.37 -27.50 30.66
N ARG M 11 4.20 -26.22 30.99
CA ARG M 11 3.31 -25.89 32.10
C ARG M 11 1.87 -26.31 31.84
N ASP M 12 1.40 -26.22 30.60
CA ASP M 12 0.06 -26.70 30.30
C ASP M 12 -0.07 -28.18 30.66
N PHE M 13 0.91 -28.99 30.23
CA PHE M 13 0.90 -30.42 30.51
C PHE M 13 0.98 -30.70 32.00
N LYS M 14 1.86 -30.00 32.72
CA LYS M 14 2.01 -30.30 34.14
C LYS M 14 0.78 -29.89 34.93
N ARG M 15 0.14 -28.77 34.56
CA ARG M 15 -1.10 -28.40 35.22
C ARG M 15 -2.21 -29.39 34.91
N LEU M 16 -2.29 -29.87 33.67
CA LEU M 16 -3.31 -30.85 33.34
C LEU M 16 -3.06 -32.15 34.09
N GLN M 17 -1.80 -32.45 34.41
CA GLN M 17 -1.48 -33.63 35.21
C GLN M 17 -1.89 -33.42 36.67
N GLU M 18 -1.54 -32.27 37.24
CA GLU M 18 -1.67 -32.06 38.68
C GLU M 18 -3.07 -31.64 39.11
N ASP M 19 -3.80 -30.90 38.28
CA ASP M 19 -5.13 -30.45 38.65
C ASP M 19 -5.98 -30.25 37.39
N PRO M 20 -6.35 -31.32 36.69
CA PRO M 20 -7.17 -31.17 35.50
C PRO M 20 -8.59 -30.78 35.87
N PRO M 21 -9.27 -30.01 35.02
CA PRO M 21 -10.70 -29.76 35.24
C PRO M 21 -11.51 -31.04 35.11
N ALA M 22 -12.78 -30.94 35.50
CA ALA M 22 -13.65 -32.11 35.54
C ALA M 22 -13.91 -32.65 34.14
N GLY M 23 -13.71 -33.96 33.97
CA GLY M 23 -14.06 -34.63 32.74
C GLY M 23 -13.19 -34.33 31.55
N VAL M 24 -11.97 -33.86 31.75
CA VAL M 24 -11.08 -33.53 30.65
C VAL M 24 -9.70 -34.11 30.91
N SER M 25 -8.97 -34.39 29.83
CA SER M 25 -7.63 -34.90 29.90
C SER M 25 -6.90 -34.57 28.60
N GLY M 26 -5.58 -34.65 28.64
CA GLY M 26 -4.78 -34.33 27.47
C GLY M 26 -3.37 -34.85 27.61
N ALA M 27 -2.66 -34.94 26.48
CA ALA M 27 -1.31 -35.46 26.42
C ALA M 27 -0.69 -35.06 25.09
N PRO M 28 0.63 -34.99 25.00
CA PRO M 28 1.24 -34.67 23.71
C PRO M 28 1.26 -35.91 22.83
N SER M 29 1.44 -35.70 21.55
CA SER M 29 1.90 -36.80 20.71
C SER M 29 3.37 -37.07 21.02
N GLU M 30 3.74 -38.34 21.04
CA GLU M 30 5.06 -38.72 21.53
C GLU M 30 6.16 -38.13 20.65
N ASN M 31 5.99 -38.20 19.33
CA ASN M 31 7.01 -37.73 18.40
C ASN M 31 6.88 -36.26 18.02
N ASN M 32 5.80 -35.60 18.45
CA ASN M 32 5.58 -34.19 18.12
C ASN M 32 4.85 -33.54 19.28
N ILE M 33 5.57 -32.76 20.08
CA ILE M 33 4.96 -32.08 21.22
C ILE M 33 3.96 -31.02 20.77
N MET M 34 4.10 -30.52 19.53
CA MET M 34 3.12 -29.59 18.98
C MET M 34 1.74 -30.20 18.82
N VAL M 35 1.63 -31.53 18.81
CA VAL M 35 0.37 -32.23 18.63
C VAL M 35 -0.12 -32.65 20.01
N TRP M 36 -1.38 -32.34 20.29
CA TRP M 36 -2.00 -32.50 21.59
C TRP M 36 -3.27 -33.33 21.44
N ASN M 37 -3.35 -34.45 22.16
CA ASN M 37 -4.53 -35.28 22.12
C ASN M 37 -5.28 -35.14 23.43
N ALA M 38 -6.57 -34.85 23.34
CA ALA M 38 -7.37 -34.52 24.51
C ALA M 38 -8.67 -35.31 24.48
N VAL M 39 -9.15 -35.65 25.67
CA VAL M 39 -10.40 -36.37 25.85
C VAL M 39 -11.30 -35.52 26.73
N ILE M 40 -12.53 -35.28 26.27
CA ILE M 40 -13.47 -34.40 26.95
C ILE M 40 -14.72 -35.20 27.30
N PHE M 41 -15.17 -35.09 28.54
CA PHE M 41 -16.42 -35.71 28.97
C PHE M 41 -17.57 -34.71 28.87
N GLY M 42 -18.71 -35.20 28.39
CA GLY M 42 -19.90 -34.39 28.23
C GLY M 42 -20.38 -33.77 29.53
N PRO M 43 -20.74 -32.50 29.48
CA PRO M 43 -21.16 -31.79 30.69
C PRO M 43 -22.43 -32.40 31.29
N GLU M 44 -22.50 -32.36 32.62
CA GLU M 44 -23.68 -32.85 33.33
C GLU M 44 -24.87 -31.92 33.10
N GLY M 45 -26.06 -32.49 33.15
CA GLY M 45 -27.26 -31.73 32.90
C GLY M 45 -27.52 -31.39 31.45
N THR M 46 -26.78 -31.99 30.53
CA THR M 46 -26.86 -31.69 29.10
C THR M 46 -27.11 -32.97 28.31
N PRO M 47 -27.62 -32.87 27.09
CA PRO M 47 -27.75 -34.08 26.26
C PRO M 47 -26.43 -34.78 25.98
N PHE M 48 -25.31 -34.07 26.07
CA PHE M 48 -24.00 -34.64 25.80
C PHE M 48 -23.48 -35.52 26.94
N GLU M 49 -24.32 -35.86 27.91
CA GLU M 49 -23.88 -36.68 29.03
C GLU M 49 -23.45 -38.06 28.55
N ASP M 50 -22.51 -38.66 29.28
CA ASP M 50 -21.88 -39.95 29.02
C ASP M 50 -20.94 -39.89 27.82
N GLY M 51 -20.66 -38.71 27.27
CA GLY M 51 -19.84 -38.64 26.07
C GLY M 51 -18.36 -38.68 26.40
N THR M 52 -17.61 -39.37 25.54
CA THR M 52 -16.15 -39.43 25.63
C THR M 52 -15.62 -38.92 24.30
N PHE M 53 -15.35 -37.61 24.24
CA PHE M 53 -15.00 -36.95 22.99
C PHE M 53 -13.49 -36.86 22.83
N LYS M 54 -12.99 -37.43 21.74
CA LYS M 54 -11.58 -37.33 21.40
C LYS M 54 -11.28 -36.03 20.67
N LEU M 55 -10.19 -35.38 21.07
CA LEU M 55 -9.80 -34.10 20.50
C LEU M 55 -8.34 -34.16 20.04
N THR M 56 -8.07 -33.43 18.96
CA THR M 56 -6.71 -33.17 18.51
C THR M 56 -6.50 -31.68 18.36
N ILE M 57 -5.38 -31.19 18.87
CA ILE M 57 -5.04 -29.77 18.88
C ILE M 57 -3.63 -29.60 18.34
N GLU M 58 -3.44 -28.60 17.49
CA GLU M 58 -2.16 -28.34 16.84
C GLU M 58 -1.73 -26.91 17.16
N PHE M 59 -0.51 -26.77 17.67
CA PHE M 59 0.06 -25.49 18.05
C PHE M 59 1.27 -25.15 17.18
N THR M 60 1.60 -23.87 17.12
CA THR M 60 2.83 -23.38 16.53
C THR M 60 3.65 -22.67 17.60
N GLU M 61 4.78 -22.09 17.17
CA GLU M 61 5.70 -21.47 18.11
C GLU M 61 5.24 -20.12 18.62
N GLU M 62 4.19 -19.52 18.04
CA GLU M 62 3.73 -18.23 18.51
C GLU M 62 2.62 -18.32 19.55
N TYR M 63 2.35 -19.52 20.06
CA TYR M 63 1.53 -19.64 21.26
C TYR M 63 2.21 -18.90 22.41
N PRO M 64 1.45 -18.28 23.34
CA PRO M 64 0.00 -18.23 23.47
C PRO M 64 -0.68 -17.06 22.77
N ASN M 65 0.08 -16.33 21.96
CA ASN M 65 -0.41 -15.10 21.37
C ASN M 65 -1.51 -15.34 20.35
N LYS M 66 -1.69 -16.57 19.88
CA LYS M 66 -2.69 -16.89 18.88
C LYS M 66 -3.49 -18.12 19.31
N PRO M 67 -4.78 -18.16 18.98
CA PRO M 67 -5.55 -19.38 19.26
C PRO M 67 -5.08 -20.50 18.35
N PRO M 68 -4.97 -21.72 18.87
CA PRO M 68 -4.49 -22.83 18.05
C PRO M 68 -5.59 -23.36 17.14
N THR M 69 -5.26 -24.44 16.43
CA THR M 69 -6.24 -25.16 15.62
C THR M 69 -6.67 -26.39 16.40
N VAL M 70 -7.96 -26.47 16.71
CA VAL M 70 -8.53 -27.56 17.50
C VAL M 70 -9.54 -28.28 16.62
N ARG M 71 -9.48 -29.61 16.63
CA ARG M 71 -10.31 -30.43 15.76
C ARG M 71 -10.84 -31.64 16.50
N PHE M 72 -12.15 -31.85 16.42
CA PHE M 72 -12.73 -33.09 16.93
C PHE M 72 -12.30 -34.27 16.08
N VAL M 73 -12.00 -35.39 16.74
CA VAL M 73 -11.66 -36.62 16.05
C VAL M 73 -12.89 -37.50 15.84
N SER M 74 -13.65 -37.76 16.89
CA SER M 74 -14.88 -38.52 16.76
C SER M 74 -15.94 -37.69 16.06
N LYS M 75 -16.94 -38.39 15.51
CA LYS M 75 -18.05 -37.69 14.88
C LYS M 75 -18.82 -36.89 15.91
N MET M 76 -19.18 -35.65 15.55
CA MET M 76 -19.82 -34.75 16.49
C MET M 76 -21.07 -34.15 15.86
N PHE M 77 -22.07 -33.90 16.70
CA PHE M 77 -23.33 -33.31 16.27
C PHE M 77 -23.59 -32.12 17.17
N HIS M 78 -23.15 -30.94 16.74
CA HIS M 78 -23.20 -29.72 17.52
C HIS M 78 -23.43 -28.61 16.52
N PRO M 79 -24.33 -27.66 16.79
CA PRO M 79 -24.55 -26.58 15.82
C PRO M 79 -23.30 -25.80 15.48
N ASN M 80 -22.31 -25.77 16.36
CA ASN M 80 -21.13 -24.95 16.18
C ASN M 80 -19.91 -25.75 15.71
N VAL M 81 -20.11 -26.97 15.22
CA VAL M 81 -19.00 -27.76 14.70
C VAL M 81 -19.29 -28.09 13.24
N TYR M 82 -18.27 -27.97 12.40
CA TYR M 82 -18.41 -28.41 11.02
C TYR M 82 -18.41 -29.93 10.96
N ALA M 83 -18.78 -30.46 9.79
CA ALA M 83 -18.87 -31.91 9.62
C ALA M 83 -17.53 -32.59 9.88
N ASP M 84 -16.42 -31.90 9.65
CA ASP M 84 -15.10 -32.47 9.85
C ASP M 84 -14.60 -32.31 11.28
N GLY M 85 -15.34 -31.58 12.12
CA GLY M 85 -14.88 -31.26 13.47
C GLY M 85 -14.31 -29.86 13.62
N SER M 86 -14.41 -29.01 12.60
CA SER M 86 -13.94 -27.64 12.73
C SER M 86 -14.73 -26.92 13.82
N ILE M 87 -14.03 -26.13 14.62
CA ILE M 87 -14.58 -25.55 15.83
C ILE M 87 -14.52 -24.04 15.72
N CYS M 88 -15.67 -23.38 15.88
CA CYS M 88 -15.79 -21.93 15.73
C CYS M 88 -16.26 -21.31 17.03
N LEU M 89 -15.31 -20.81 17.82
CA LEU M 89 -15.62 -20.26 19.14
C LEU M 89 -15.02 -18.87 19.34
N ASP M 90 -15.57 -18.15 20.32
CA ASP M 90 -15.13 -16.79 20.61
C ASP M 90 -13.65 -16.75 20.97
N ILE M 91 -13.22 -17.57 21.93
CA ILE M 91 -11.82 -17.51 22.33
C ILE M 91 -10.93 -18.19 21.30
N LEU M 92 -11.51 -18.93 20.37
CA LEU M 92 -10.74 -19.68 19.39
C LEU M 92 -10.53 -18.91 18.09
N GLN M 93 -11.34 -17.90 17.82
CA GLN M 93 -11.13 -17.06 16.64
C GLN M 93 -11.14 -15.57 16.93
N ASN M 94 -12.03 -15.10 17.81
CA ASN M 94 -12.31 -13.68 17.95
C ASN M 94 -11.74 -13.05 19.21
N ARG M 95 -11.87 -13.70 20.36
CA ARG M 95 -11.44 -13.11 21.63
C ARG M 95 -10.45 -14.03 22.33
N TRP M 96 -9.45 -14.49 21.58
CA TRP M 96 -8.36 -15.24 22.17
C TRP M 96 -7.54 -14.37 23.10
N SER M 97 -7.10 -14.94 24.21
CA SER M 97 -6.20 -14.26 25.13
C SER M 97 -5.01 -15.17 25.44
N PRO M 98 -3.80 -14.64 25.40
CA PRO M 98 -2.62 -15.46 25.72
C PRO M 98 -2.63 -16.02 27.13
N THR M 99 -3.36 -15.41 28.06
CA THR M 99 -3.49 -15.97 29.40
C THR M 99 -4.21 -17.32 29.40
N TYR M 100 -4.98 -17.61 28.36
CA TYR M 100 -5.71 -18.88 28.29
C TYR M 100 -4.74 -20.02 28.05
N ASP M 101 -5.06 -21.17 28.62
CA ASP M 101 -4.29 -22.39 28.43
C ASP M 101 -5.18 -23.50 27.90
N VAL M 102 -4.61 -24.68 27.72
CA VAL M 102 -5.35 -25.81 27.17
C VAL M 102 -6.49 -26.20 28.10
N SER M 103 -6.27 -26.10 29.42
CA SER M 103 -7.33 -26.40 30.37
C SER M 103 -8.51 -25.43 30.18
N SER M 104 -8.21 -24.15 30.01
CA SER M 104 -9.26 -23.18 29.74
C SER M 104 -9.97 -23.47 28.42
N ILE M 105 -9.21 -23.91 27.40
CA ILE M 105 -9.81 -24.26 26.12
C ILE M 105 -10.79 -25.41 26.29
N LEU M 106 -10.38 -26.44 27.03
CA LEU M 106 -11.26 -27.60 27.23
C LEU M 106 -12.50 -27.21 28.02
N THR M 107 -12.34 -26.38 29.06
CA THR M 107 -13.50 -25.92 29.81
C THR M 107 -14.44 -25.10 28.95
N SER M 108 -13.90 -24.25 28.08
CA SER M 108 -14.75 -23.46 27.19
C SER M 108 -15.49 -24.36 26.20
N ILE M 109 -14.82 -25.39 25.69
CA ILE M 109 -15.49 -26.35 24.80
C ILE M 109 -16.62 -27.04 25.52
N GLN M 110 -16.37 -27.47 26.76
CA GLN M 110 -17.40 -28.12 27.56
C GLN M 110 -18.56 -27.16 27.82
N SER M 111 -18.25 -25.88 28.01
CA SER M 111 -19.31 -24.88 28.18
C SER M 111 -20.14 -24.74 26.91
N LEU M 112 -19.49 -24.75 25.75
CA LEU M 112 -20.23 -24.72 24.49
C LEU M 112 -21.13 -25.93 24.36
N LEU M 113 -20.66 -27.08 24.83
CA LEU M 113 -21.44 -28.31 24.75
C LEU M 113 -22.81 -28.12 25.40
N ASP M 114 -22.86 -27.41 26.52
CA ASP M 114 -24.14 -27.07 27.13
C ASP M 114 -24.85 -25.93 26.39
N GLU M 115 -24.10 -24.92 25.96
CA GLU M 115 -24.69 -23.69 25.40
C GLU M 115 -24.13 -23.43 24.02
N PRO M 116 -24.73 -24.02 22.98
CA PRO M 116 -24.31 -23.73 21.61
C PRO M 116 -24.51 -22.26 21.28
N ASN M 117 -23.58 -21.71 20.50
CA ASN M 117 -23.68 -20.31 20.10
C ASN M 117 -24.50 -20.22 18.82
N PRO M 118 -25.64 -19.53 18.83
CA PRO M 118 -26.45 -19.40 17.61
C PRO M 118 -25.81 -18.53 16.55
N ASN M 119 -24.79 -17.73 16.89
CA ASN M 119 -24.16 -16.87 15.89
C ASN M 119 -23.17 -17.61 15.02
N SER M 120 -22.82 -18.85 15.36
CA SER M 120 -21.90 -19.66 14.56
C SER M 120 -22.53 -21.02 14.29
N PRO M 121 -23.51 -21.08 13.38
CA PRO M 121 -24.12 -22.39 13.03
C PRO M 121 -23.28 -23.16 12.01
N ALA M 122 -22.19 -23.75 12.49
CA ALA M 122 -21.30 -24.49 11.60
C ALA M 122 -22.00 -25.70 10.98
N ASN M 123 -22.81 -26.40 11.76
CA ASN M 123 -23.66 -27.48 11.25
C ASN M 123 -25.08 -26.92 11.20
N SER M 124 -25.55 -26.62 9.98
CA SER M 124 -26.89 -26.04 9.84
C SER M 124 -27.97 -27.01 10.30
N GLN M 125 -27.77 -28.28 10.00
CA GLN M 125 -28.72 -29.32 10.40
C GLN M 125 -28.82 -29.37 11.93
N ALA M 126 -27.66 -29.40 12.59
CA ALA M 126 -27.62 -29.45 14.04
C ALA M 126 -28.22 -28.19 14.65
N ALA M 127 -27.93 -27.03 14.07
CA ALA M 127 -28.48 -25.78 14.57
C ALA M 127 -30.00 -25.78 14.49
N GLN M 128 -30.53 -26.23 13.36
CA GLN M 128 -31.98 -26.30 13.16
C GLN M 128 -32.64 -27.29 14.12
N LEU M 129 -32.01 -28.44 14.33
CA LEU M 129 -32.57 -29.46 15.22
C LEU M 129 -32.53 -28.99 16.67
N TYR M 130 -31.47 -28.30 17.07
CA TYR M 130 -31.47 -27.67 18.39
C TYR M 130 -32.55 -26.60 18.49
N GLN M 131 -32.73 -25.80 17.43
CA GLN M 131 -33.55 -24.62 17.52
C GLN M 131 -35.04 -24.95 17.65
N GLU M 132 -35.57 -25.86 16.82
CA GLU M 132 -36.99 -26.16 16.92
C GLU M 132 -37.35 -27.55 17.44
N ASN M 133 -36.41 -28.48 17.58
CA ASN M 133 -36.82 -29.76 18.16
C ASN M 133 -35.76 -30.36 19.08
N LYS M 134 -35.85 -30.02 20.37
CA LYS M 134 -34.87 -30.46 21.34
C LYS M 134 -34.89 -31.97 21.52
N ARG M 135 -36.06 -32.60 21.39
CA ARG M 135 -36.16 -34.03 21.64
C ARG M 135 -35.34 -34.84 20.65
N GLU M 136 -35.54 -34.61 19.34
CA GLU M 136 -34.75 -35.36 18.37
C GLU M 136 -33.32 -34.83 18.31
N TYR M 137 -33.11 -33.55 18.65
CA TYR M 137 -31.73 -33.07 18.75
C TYR M 137 -30.96 -33.88 19.80
N GLU M 138 -31.55 -34.05 20.98
CA GLU M 138 -30.87 -34.79 22.04
C GLU M 138 -30.85 -36.29 21.74
N LYS M 139 -31.79 -36.77 20.92
CA LYS M 139 -31.66 -38.13 20.40
C LYS M 139 -30.41 -38.29 19.55
N ARG M 140 -30.17 -37.30 18.68
CA ARG M 140 -28.98 -37.31 17.84
C ARG M 140 -27.74 -37.21 18.72
N VAL M 141 -27.81 -36.39 19.77
CA VAL M 141 -26.70 -36.21 20.68
C VAL M 141 -26.40 -37.52 21.42
N SER M 142 -27.45 -38.23 21.85
CA SER M 142 -27.23 -39.53 22.46
C SER M 142 -26.62 -40.52 21.47
N ALA M 143 -27.02 -40.43 20.21
CA ALA M 143 -26.43 -41.27 19.18
C ALA M 143 -24.93 -41.00 19.04
N ILE M 144 -24.53 -39.73 19.00
CA ILE M 144 -23.11 -39.43 18.88
C ILE M 144 -22.37 -39.79 20.15
N VAL M 145 -23.03 -39.70 21.31
CA VAL M 145 -22.41 -40.13 22.56
C VAL M 145 -22.11 -41.62 22.54
N GLU M 146 -23.08 -42.43 22.10
CA GLU M 146 -22.85 -43.87 22.06
C GLU M 146 -21.87 -44.24 20.96
N GLN M 147 -21.73 -43.37 19.97
CA GLN M 147 -20.80 -43.60 18.88
C GLN M 147 -19.36 -43.20 19.27
N SER M 148 -19.23 -42.25 20.20
CA SER M 148 -17.92 -41.79 20.65
C SER M 148 -17.24 -42.78 21.57
N TRP M 149 -17.96 -43.74 22.13
CA TRP M 149 -17.35 -44.75 22.99
C TRP M 149 -16.44 -45.69 22.22
N ARG M 150 -16.50 -45.68 20.89
CA ARG M 150 -15.65 -46.50 20.04
C ARG M 150 -14.75 -45.58 19.23
#